data_1X2H
#
_entry.id   1X2H
#
_cell.length_a   83.200
_cell.length_b   111.600
_cell.length_c   289.600
_cell.angle_alpha   90.00
_cell.angle_beta   90.00
_cell.angle_gamma   90.00
#
_symmetry.space_group_name_H-M   'C 2 2 21'
#
loop_
_entity.id
_entity.type
_entity.pdbx_description
1 polymer 'Lipoate-protein ligase A'
2 non-polymer 'LIPOIC ACID'
3 water water
#
_entity_poly.entity_id   1
_entity_poly.type   'polypeptide(L)'
_entity_poly.pdbx_seq_one_letter_code
;STLRLLISDSYDPWFNLAVEECIFRQ(MSE)PATQRVLFLWRNADTVVIGRAQNPWKECNTRR(MSE)EEDNVRLARRSS
GGGAVFHDLGNTCFTF(MSE)AGKPEYDKTISTSIVLNALNALGVSAEASGRNDLVVKTVEGDRKVSGSAYRETKDRGFH
HGTLLLNADLSRLANYLNPDKKKLAAKGITSVRSRVTNLTELLPGITHEQVCEAITEAFFAHYGERVEAEIISPNKTPDL
PNFAETFARQSSWEWNFGQAPAFSHLLDERFTWGGVELHFDVEKGHITRAQVFTDSLNPAPLEALAGRLQGCLYRAD
(MSE)LQQECEALLVDFPEQEKELRELSAW(MSE)AGAVR
;
_entity_poly.pdbx_strand_id   A,B,C
#
loop_
_chem_comp.id
_chem_comp.type
_chem_comp.name
_chem_comp.formula
LPA non-polymer 'LIPOIC ACID' 'C8 H14 O2 S2'
#
# COMPACT_ATOMS: atom_id res chain seq x y z
N SER A 1 28.23 -15.42 7.20
CA SER A 1 29.07 -14.75 6.15
C SER A 1 28.26 -13.88 5.12
N THR A 2 28.98 -13.44 4.10
CA THR A 2 28.44 -12.90 2.85
C THR A 2 27.07 -13.55 2.36
N LEU A 3 27.05 -14.87 2.05
CA LEU A 3 25.84 -15.50 1.47
C LEU A 3 24.81 -15.90 2.48
N ARG A 4 23.57 -15.60 2.17
CA ARG A 4 22.50 -16.09 2.98
C ARG A 4 21.68 -16.93 2.05
N LEU A 5 21.18 -18.06 2.53
CA LEU A 5 20.35 -18.90 1.68
C LEU A 5 19.07 -19.14 2.40
N LEU A 6 18.02 -18.53 1.88
CA LEU A 6 16.69 -18.60 2.53
C LEU A 6 15.69 -19.47 1.74
N ILE A 7 15.07 -20.40 2.46
CA ILE A 7 14.18 -21.41 1.88
C ILE A 7 12.84 -21.30 2.60
N SER A 8 11.81 -20.79 1.92
CA SER A 8 10.54 -20.75 2.60
C SER A 8 9.99 -22.13 2.66
N ASP A 9 9.34 -22.43 3.79
CA ASP A 9 8.65 -23.69 3.97
C ASP A 9 7.16 -23.41 4.15
N SER A 10 6.62 -22.46 3.38
CA SER A 10 5.29 -21.96 3.63
C SER A 10 4.66 -21.49 2.35
N TYR A 11 3.42 -21.87 2.13
CA TYR A 11 2.80 -21.49 0.86
C TYR A 11 2.04 -20.15 0.93
N ASP A 12 2.04 -19.56 2.11
CA ASP A 12 1.42 -18.32 2.41
C ASP A 12 2.07 -17.17 1.66
N PRO A 13 1.35 -16.62 0.67
CA PRO A 13 1.93 -15.65 -0.26
C PRO A 13 2.10 -14.26 0.37
N TRP A 14 1.57 -14.05 1.58
CA TRP A 14 1.82 -12.78 2.26
C TRP A 14 3.10 -12.91 3.06
N PHE A 15 3.29 -14.09 3.63
CA PHE A 15 4.57 -14.37 4.21
C PHE A 15 5.70 -14.31 3.18
N ASN A 16 5.57 -15.04 2.08
CA ASN A 16 6.65 -15.03 1.09
C ASN A 16 6.92 -13.60 0.62
N LEU A 17 5.87 -12.82 0.37
CA LEU A 17 6.06 -11.50 -0.13
C LEU A 17 6.80 -10.59 0.87
N ALA A 18 6.39 -10.68 2.14
CA ALA A 18 7.03 -9.90 3.18
C ALA A 18 8.52 -10.20 3.14
N VAL A 19 8.86 -11.50 3.19
CA VAL A 19 10.25 -11.87 3.04
C VAL A 19 10.84 -11.19 1.83
N GLU A 20 10.16 -11.21 0.70
CA GLU A 20 10.74 -10.60 -0.49
C GLU A 20 11.00 -9.13 -0.28
N GLU A 21 10.11 -8.48 0.45
CA GLU A 21 10.15 -7.04 0.63
C GLU A 21 11.26 -6.69 1.67
N CYS A 22 11.36 -7.50 2.71
CA CYS A 22 12.54 -7.41 3.58
C CYS A 22 13.91 -7.50 2.86
N ILE A 23 14.05 -8.36 1.86
CA ILE A 23 15.34 -8.47 1.16
C ILE A 23 15.59 -7.19 0.39
N PHE A 24 14.56 -6.75 -0.32
CA PHE A 24 14.71 -5.59 -1.13
C PHE A 24 15.08 -4.39 -0.27
N ARG A 25 14.53 -4.32 0.94
CA ARG A 25 14.62 -3.07 1.69
C ARG A 25 15.09 -3.10 3.15
N GLN A 26 15.21 -4.28 3.77
CA GLN A 26 15.68 -4.42 5.16
C GLN A 26 17.12 -4.91 5.24
N MSE A 27 17.39 -6.07 4.66
CA MSE A 27 18.74 -6.62 4.60
C MSE A 27 19.72 -5.63 3.98
O MSE A 27 19.44 -4.96 2.99
CB MSE A 27 18.73 -7.82 3.71
CG MSE A 27 17.75 -8.87 4.08
SE MSE A 27 18.45 -10.45 3.17
CE MSE A 27 20.35 -10.22 3.83
N PRO A 28 20.93 -5.57 4.55
CA PRO A 28 21.97 -4.76 3.89
C PRO A 28 22.55 -5.49 2.68
N ALA A 29 22.79 -4.74 1.61
CA ALA A 29 23.34 -5.28 0.34
C ALA A 29 24.77 -5.71 0.51
N THR A 30 25.12 -6.09 1.72
CA THR A 30 26.42 -6.56 2.03
C THR A 30 26.35 -8.08 1.80
N GLN A 31 25.13 -8.59 1.82
CA GLN A 31 24.83 -10.01 1.69
C GLN A 31 24.57 -10.42 0.23
N ARG A 32 24.67 -11.70 -0.07
CA ARG A 32 24.16 -12.19 -1.36
C ARG A 32 23.10 -13.21 -1.06
N VAL A 33 21.89 -12.96 -1.54
CA VAL A 33 20.84 -13.72 -0.97
C VAL A 33 20.15 -14.54 -1.98
N LEU A 34 20.01 -15.82 -1.73
CA LEU A 34 19.08 -16.52 -2.58
C LEU A 34 17.89 -16.91 -1.74
N PHE A 35 16.71 -16.69 -2.28
CA PHE A 35 15.51 -17.01 -1.55
C PHE A 35 14.65 -17.90 -2.42
N LEU A 36 14.21 -19.05 -1.90
CA LEU A 36 13.39 -19.94 -2.72
C LEU A 36 12.11 -20.37 -2.04
N TRP A 37 11.00 -20.14 -2.75
CA TRP A 37 9.67 -20.19 -2.17
C TRP A 37 8.69 -20.63 -3.20
N ARG A 38 7.43 -20.69 -2.78
CA ARG A 38 6.31 -20.81 -3.71
C ARG A 38 4.95 -20.60 -2.99
N ASN A 39 3.95 -20.04 -3.70
CA ASN A 39 2.62 -19.76 -3.05
C ASN A 39 1.53 -20.71 -3.46
N ALA A 40 0.62 -20.99 -2.55
CA ALA A 40 -0.58 -21.74 -2.91
C ALA A 40 -1.40 -20.85 -3.87
N ASP A 41 -2.62 -21.25 -4.21
CA ASP A 41 -3.32 -20.55 -5.29
C ASP A 41 -3.53 -19.06 -4.96
N THR A 42 -3.00 -18.19 -5.84
CA THR A 42 -2.96 -16.75 -5.56
C THR A 42 -2.92 -15.83 -6.79
N VAL A 43 -3.73 -14.80 -6.75
CA VAL A 43 -3.56 -13.76 -7.72
C VAL A 43 -2.82 -12.65 -7.04
N VAL A 44 -1.78 -12.18 -7.70
CA VAL A 44 -1.03 -11.07 -7.20
C VAL A 44 -1.24 -9.95 -8.20
N ILE A 45 -1.78 -8.85 -7.66
CA ILE A 45 -1.95 -7.60 -8.37
C ILE A 45 -0.84 -6.55 -8.09
N GLY A 46 -0.69 -5.61 -9.01
CA GLY A 46 0.23 -4.50 -8.81
C GLY A 46 -0.35 -3.50 -7.81
N ARG A 47 0.50 -2.63 -7.26
CA ARG A 47 0.04 -1.83 -6.16
C ARG A 47 -1.01 -0.82 -6.52
N ALA A 48 -1.26 -0.53 -7.79
CA ALA A 48 -2.18 0.54 -8.12
C ALA A 48 -3.36 0.03 -8.90
N GLN A 49 -3.64 -1.25 -8.76
CA GLN A 49 -4.75 -1.83 -9.44
C GLN A 49 -5.95 -1.77 -8.51
N ASN A 50 -7.15 -1.79 -9.07
CA ASN A 50 -8.36 -1.99 -8.26
C ASN A 50 -8.95 -3.39 -8.51
N PRO A 51 -8.86 -4.30 -7.51
CA PRO A 51 -9.17 -5.73 -7.63
C PRO A 51 -10.67 -6.00 -7.79
N TRP A 52 -11.48 -5.04 -7.33
CA TRP A 52 -12.91 -5.06 -7.51
C TRP A 52 -13.30 -4.74 -8.97
N LYS A 53 -12.49 -4.00 -9.71
CA LYS A 53 -12.71 -3.97 -11.17
C LYS A 53 -12.06 -5.23 -11.81
N GLU A 54 -10.74 -5.39 -11.63
CA GLU A 54 -9.96 -6.44 -12.26
C GLU A 54 -10.46 -7.86 -11.94
N CYS A 55 -10.75 -8.21 -10.69
CA CYS A 55 -11.00 -9.66 -10.40
C CYS A 55 -12.41 -10.11 -10.14
N ASN A 56 -12.67 -11.36 -10.51
CA ASN A 56 -13.93 -11.95 -10.16
C ASN A 56 -13.74 -12.42 -8.74
N THR A 57 -14.13 -11.58 -7.79
CA THR A 57 -13.89 -11.89 -6.39
C THR A 57 -14.82 -12.96 -5.88
N ARG A 58 -16.04 -12.97 -6.40
CA ARG A 58 -16.96 -14.03 -6.03
C ARG A 58 -16.33 -15.43 -6.35
N ARG A 59 -15.95 -15.67 -7.61
CA ARG A 59 -15.33 -16.96 -7.96
C ARG A 59 -14.11 -17.29 -7.14
N MSE A 60 -13.19 -16.34 -7.03
CA MSE A 60 -12.06 -16.43 -6.09
C MSE A 60 -12.45 -16.95 -4.71
O MSE A 60 -11.88 -17.94 -4.25
CB MSE A 60 -11.37 -15.10 -5.93
CG MSE A 60 -10.57 -14.74 -7.17
SE MSE A 60 -9.51 -13.12 -7.00
CE MSE A 60 -8.88 -13.46 -5.18
N GLU A 61 -13.40 -16.29 -4.05
CA GLU A 61 -13.86 -16.75 -2.76
C GLU A 61 -14.31 -18.24 -2.85
N GLU A 62 -15.36 -18.51 -3.65
CA GLU A 62 -15.81 -19.86 -4.00
C GLU A 62 -14.65 -20.80 -4.25
N ASP A 63 -13.69 -20.45 -5.08
CA ASP A 63 -12.64 -21.43 -5.37
C ASP A 63 -11.50 -21.39 -4.38
N ASN A 64 -11.66 -20.62 -3.32
CA ASN A 64 -10.64 -20.47 -2.26
C ASN A 64 -9.29 -19.87 -2.71
N VAL A 65 -9.31 -18.86 -3.56
CA VAL A 65 -8.09 -18.33 -4.16
C VAL A 65 -7.62 -17.04 -3.52
N ARG A 66 -6.41 -17.00 -2.99
CA ARG A 66 -5.88 -15.81 -2.27
C ARG A 66 -5.58 -14.58 -3.13
N LEU A 67 -5.78 -13.37 -2.60
CA LEU A 67 -5.28 -12.15 -3.24
C LEU A 67 -4.14 -11.50 -2.48
N ALA A 68 -3.19 -10.96 -3.24
CA ALA A 68 -2.12 -10.23 -2.60
C ALA A 68 -1.64 -9.18 -3.54
N ARG A 69 -1.39 -8.02 -2.96
CA ARG A 69 -0.96 -6.86 -3.69
C ARG A 69 0.48 -6.75 -3.41
N ARG A 70 1.28 -6.84 -4.48
CA ARG A 70 2.71 -6.63 -4.36
C ARG A 70 2.89 -5.13 -4.28
N SER A 71 4.11 -4.62 -4.11
CA SER A 71 4.21 -3.14 -3.99
C SER A 71 4.70 -2.47 -5.22
N SER A 72 4.81 -3.23 -6.29
CA SER A 72 5.38 -2.74 -7.55
C SER A 72 4.26 -2.51 -8.53
N GLY A 73 4.55 -1.83 -9.62
CA GLY A 73 3.50 -1.60 -10.63
C GLY A 73 3.13 -2.86 -11.42
N GLY A 74 2.57 -2.66 -12.62
CA GLY A 74 2.19 -3.76 -13.48
C GLY A 74 0.90 -4.48 -13.10
N GLY A 75 0.60 -5.58 -13.79
CA GLY A 75 -0.74 -6.21 -13.76
C GLY A 75 -0.84 -7.47 -12.92
N ALA A 76 -1.88 -8.28 -13.16
CA ALA A 76 -2.09 -9.54 -12.35
C ALA A 76 -1.35 -10.85 -12.80
N VAL A 77 -1.03 -11.71 -11.84
CA VAL A 77 -0.08 -12.82 -12.03
C VAL A 77 -0.64 -14.03 -11.27
N PHE A 78 -0.60 -15.23 -11.82
CA PHE A 78 -1.15 -16.36 -11.04
C PHE A 78 -0.04 -17.12 -10.37
N HIS A 79 -0.30 -17.77 -9.24
CA HIS A 79 0.64 -18.70 -8.63
C HIS A 79 -0.09 -19.94 -8.22
N ASP A 80 0.53 -21.09 -8.41
CA ASP A 80 0.13 -22.22 -7.62
C ASP A 80 1.43 -22.89 -7.19
N LEU A 81 1.26 -23.95 -6.39
CA LEU A 81 2.34 -24.82 -5.98
C LEU A 81 3.17 -25.40 -7.11
N GLY A 82 2.61 -25.44 -8.31
CA GLY A 82 3.36 -25.82 -9.52
C GLY A 82 4.24 -24.73 -10.05
N ASN A 83 4.34 -23.62 -9.34
CA ASN A 83 5.38 -22.64 -9.65
C ASN A 83 6.42 -22.66 -8.57
N THR A 84 7.68 -22.78 -8.98
CA THR A 84 8.78 -22.59 -8.10
C THR A 84 9.34 -21.24 -8.35
N CYS A 85 9.79 -20.58 -7.29
CA CYS A 85 10.07 -19.14 -7.38
C CYS A 85 11.41 -18.80 -6.82
N PHE A 86 12.04 -17.78 -7.37
CA PHE A 86 13.36 -17.45 -6.86
C PHE A 86 13.54 -15.96 -6.70
N THR A 87 14.20 -15.60 -5.59
CA THR A 87 14.63 -14.22 -5.40
C THR A 87 16.13 -14.16 -5.10
N PHE A 88 16.84 -13.44 -5.95
CA PHE A 88 18.21 -13.08 -5.65
C PHE A 88 18.30 -11.62 -5.41
N MSE A 89 19.17 -11.25 -4.49
CA MSE A 89 19.52 -9.87 -4.24
C MSE A 89 21.00 -9.88 -4.00
O MSE A 89 21.52 -10.81 -3.39
CB MSE A 89 18.77 -9.35 -2.99
CG MSE A 89 19.04 -7.88 -2.54
SE MSE A 89 20.78 -7.36 -1.63
CE MSE A 89 20.56 -8.08 0.12
N ALA A 90 21.67 -8.83 -4.47
CA ALA A 90 23.02 -8.54 -4.09
C ALA A 90 23.35 -7.05 -4.35
N GLY A 91 24.47 -6.56 -3.80
CA GLY A 91 24.79 -5.13 -3.81
C GLY A 91 25.70 -4.70 -4.94
N LYS A 92 25.84 -3.40 -5.14
CA LYS A 92 26.62 -2.92 -6.26
C LYS A 92 28.06 -2.40 -5.95
N PRO A 93 28.93 -2.33 -6.98
CA PRO A 93 28.68 -2.54 -8.44
C PRO A 93 28.93 -3.99 -8.85
N GLU A 94 29.48 -4.74 -7.88
CA GLU A 94 29.72 -6.17 -7.98
C GLU A 94 28.70 -6.89 -8.84
N TYR A 95 27.42 -6.69 -8.51
CA TYR A 95 26.34 -7.51 -9.05
C TYR A 95 25.56 -6.82 -10.15
N ASP A 96 25.34 -7.59 -11.22
CA ASP A 96 24.35 -7.23 -12.23
C ASP A 96 23.49 -8.43 -12.50
N LYS A 97 22.52 -8.23 -13.34
CA LYS A 97 21.51 -9.22 -13.64
C LYS A 97 22.02 -10.48 -14.36
N THR A 98 22.93 -10.33 -15.31
CA THR A 98 23.40 -11.50 -16.04
C THR A 98 23.83 -12.60 -15.08
N ILE A 99 24.24 -12.22 -13.88
CA ILE A 99 24.67 -13.21 -12.86
C ILE A 99 23.61 -14.21 -12.41
N SER A 100 22.49 -13.70 -11.94
CA SER A 100 21.43 -14.59 -11.52
C SER A 100 20.89 -15.37 -12.73
N THR A 101 20.82 -14.72 -13.87
CA THR A 101 20.42 -15.44 -15.07
C THR A 101 21.36 -16.64 -15.30
N SER A 102 22.66 -16.36 -15.28
CA SER A 102 23.63 -17.38 -15.43
C SER A 102 23.29 -18.57 -14.52
N ILE A 103 23.09 -18.27 -13.24
CA ILE A 103 22.87 -19.31 -12.21
C ILE A 103 21.66 -20.19 -12.54
N VAL A 104 20.57 -19.55 -12.96
CA VAL A 104 19.34 -20.29 -13.19
C VAL A 104 19.54 -21.25 -14.38
N LEU A 105 20.08 -20.72 -15.49
CA LEU A 105 20.43 -21.52 -16.70
C LEU A 105 21.35 -22.70 -16.41
N ASN A 106 22.35 -22.48 -15.56
CA ASN A 106 23.20 -23.58 -15.19
C ASN A 106 22.38 -24.63 -14.55
N ALA A 107 21.52 -24.23 -13.63
CA ALA A 107 20.78 -25.20 -12.87
C ALA A 107 19.83 -25.94 -13.79
N LEU A 108 19.21 -25.23 -14.72
CA LEU A 108 18.31 -25.92 -15.65
C LEU A 108 19.14 -26.92 -16.46
N ASN A 109 20.33 -26.45 -16.81
CA ASN A 109 21.18 -27.24 -17.57
C ASN A 109 21.50 -28.47 -16.78
N ALA A 110 21.67 -28.30 -15.47
CA ALA A 110 22.06 -29.43 -14.66
C ALA A 110 20.88 -30.36 -14.44
N LEU A 111 19.75 -30.05 -15.04
CA LEU A 111 18.57 -30.90 -14.87
C LEU A 111 18.29 -31.63 -16.17
N GLY A 112 19.20 -31.49 -17.12
CA GLY A 112 18.93 -31.99 -18.43
C GLY A 112 18.26 -30.96 -19.29
N VAL A 113 18.02 -29.76 -18.80
CA VAL A 113 17.34 -28.81 -19.69
C VAL A 113 18.25 -27.70 -20.17
N SER A 114 18.21 -27.43 -21.47
CA SER A 114 18.94 -26.27 -21.94
C SER A 114 17.96 -25.29 -22.53
N ALA A 115 18.12 -24.06 -22.08
CA ALA A 115 17.17 -22.99 -22.30
C ALA A 115 18.06 -21.82 -22.37
N GLU A 116 17.49 -20.67 -22.71
CA GLU A 116 18.26 -19.46 -22.65
C GLU A 116 17.39 -18.22 -22.61
N ALA A 117 18.07 -17.06 -22.45
CA ALA A 117 17.45 -15.75 -22.36
C ALA A 117 16.71 -15.41 -23.64
N SER A 118 15.44 -15.07 -23.52
CA SER A 118 14.64 -14.63 -24.64
C SER A 118 13.99 -13.34 -24.22
N GLY A 119 14.37 -12.24 -24.86
CA GLY A 119 13.91 -10.90 -24.45
C GLY A 119 14.60 -10.49 -23.15
N ARG A 120 14.02 -9.52 -22.45
CA ARG A 120 14.66 -8.99 -21.27
C ARG A 120 14.28 -9.72 -19.99
N ASN A 121 13.13 -10.40 -19.99
CA ASN A 121 12.69 -11.11 -18.76
C ASN A 121 12.94 -12.62 -18.82
N ASP A 122 12.05 -13.33 -19.55
CA ASP A 122 11.96 -14.79 -19.67
C ASP A 122 13.19 -15.58 -20.05
N LEU A 123 13.15 -16.86 -19.70
CA LEU A 123 13.97 -17.94 -20.24
C LEU A 123 13.09 -18.87 -21.05
N VAL A 124 13.68 -19.39 -22.13
CA VAL A 124 12.95 -20.12 -23.16
C VAL A 124 13.71 -21.40 -23.50
N VAL A 125 13.00 -22.50 -23.76
CA VAL A 125 13.66 -23.69 -24.34
C VAL A 125 13.36 -23.79 -25.82
N LYS A 126 14.37 -24.26 -26.56
CA LYS A 126 14.31 -24.40 -28.01
C LYS A 126 13.55 -25.65 -28.38
N THR A 127 12.55 -25.52 -29.23
CA THR A 127 11.68 -26.65 -29.52
C THR A 127 11.43 -26.83 -31.01
N VAL A 128 11.24 -28.08 -31.40
CA VAL A 128 10.83 -28.44 -32.76
C VAL A 128 9.60 -27.61 -33.26
N GLU A 129 8.74 -27.20 -32.34
CA GLU A 129 7.54 -26.42 -32.66
C GLU A 129 7.74 -24.95 -32.27
N GLY A 130 9.00 -24.55 -32.03
CA GLY A 130 9.36 -23.15 -31.76
C GLY A 130 9.76 -22.87 -30.31
N ASP A 131 9.91 -21.59 -29.98
CA ASP A 131 10.28 -21.16 -28.61
C ASP A 131 9.14 -21.30 -27.62
N ARG A 132 9.46 -21.89 -26.47
CA ARG A 132 8.47 -22.19 -25.49
C ARG A 132 8.97 -21.78 -24.13
N LYS A 133 8.20 -20.89 -23.49
CA LYS A 133 8.59 -20.15 -22.30
C LYS A 133 8.55 -20.99 -21.02
N VAL A 134 9.63 -20.96 -20.25
CA VAL A 134 9.64 -21.78 -19.04
C VAL A 134 9.70 -20.97 -17.72
N SER A 135 9.83 -19.65 -17.84
CA SER A 135 10.23 -18.82 -16.71
C SER A 135 10.04 -17.36 -17.04
N GLY A 136 9.21 -16.68 -16.27
CA GLY A 136 9.12 -15.23 -16.36
C GLY A 136 9.94 -14.65 -15.23
N SER A 137 10.48 -13.45 -15.39
CA SER A 137 11.10 -12.79 -14.22
C SER A 137 10.99 -11.28 -14.28
N ALA A 138 11.58 -10.59 -13.32
CA ALA A 138 11.57 -9.13 -13.28
C ALA A 138 12.75 -8.66 -12.48
N TYR A 139 13.30 -7.55 -12.88
CA TYR A 139 14.55 -7.07 -12.33
C TYR A 139 14.52 -5.58 -11.99
N ARG A 140 15.21 -5.18 -10.94
CA ARG A 140 15.35 -3.79 -10.65
C ARG A 140 16.66 -3.54 -9.99
N GLU A 141 17.25 -2.40 -10.33
CA GLU A 141 18.45 -1.98 -9.63
C GLU A 141 17.99 -0.86 -8.78
N THR A 142 18.78 -0.60 -7.73
CA THR A 142 18.52 0.41 -6.71
C THR A 142 19.81 1.16 -6.53
N LYS A 143 19.89 1.96 -5.48
CA LYS A 143 21.14 2.70 -5.16
C LYS A 143 22.30 1.76 -4.71
N ASP A 144 22.11 1.09 -3.57
CA ASP A 144 23.00 0.08 -3.03
C ASP A 144 22.88 -1.36 -3.63
N ARG A 145 21.83 -1.66 -4.40
CA ARG A 145 21.57 -3.06 -4.72
C ARG A 145 20.82 -3.40 -5.98
N GLY A 146 20.92 -4.65 -6.39
CA GLY A 146 20.05 -5.18 -7.43
C GLY A 146 19.20 -6.34 -6.92
N PHE A 147 18.11 -6.61 -7.63
CA PHE A 147 17.07 -7.50 -7.12
C PHE A 147 16.41 -8.18 -8.28
N HIS A 148 16.29 -9.51 -8.21
CA HIS A 148 15.85 -10.33 -9.34
C HIS A 148 15.00 -11.46 -8.86
N HIS A 149 13.79 -11.54 -9.37
CA HIS A 149 13.03 -12.70 -8.94
C HIS A 149 12.24 -13.15 -10.07
N GLY A 150 11.83 -14.39 -9.99
CA GLY A 150 11.02 -14.90 -11.06
C GLY A 150 10.49 -16.26 -10.73
N THR A 151 9.75 -16.77 -11.69
CA THR A 151 9.09 -18.02 -11.53
C THR A 151 9.60 -19.05 -12.57
N LEU A 152 9.71 -20.30 -12.15
CA LEU A 152 9.93 -21.43 -13.05
C LEU A 152 8.65 -22.26 -13.08
N LEU A 153 8.18 -22.58 -14.27
CA LEU A 153 6.93 -23.25 -14.42
C LEU A 153 7.08 -24.75 -14.33
N LEU A 154 6.88 -25.37 -13.18
CA LEU A 154 7.13 -26.82 -13.12
C LEU A 154 5.90 -27.59 -13.53
N ASN A 155 4.81 -27.30 -12.86
CA ASN A 155 3.55 -27.89 -13.22
C ASN A 155 2.36 -26.98 -12.90
N ALA A 156 2.36 -25.80 -13.49
CA ALA A 156 1.41 -24.79 -13.11
C ALA A 156 0.19 -24.98 -13.96
N ASP A 157 -0.99 -24.72 -13.43
CA ASP A 157 -2.07 -24.42 -14.38
C ASP A 157 -1.98 -23.00 -14.91
N LEU A 158 -1.59 -22.89 -16.17
CA LEU A 158 -1.52 -21.60 -16.84
C LEU A 158 -2.92 -20.88 -16.90
N SER A 159 -3.81 -21.44 -17.75
CA SER A 159 -5.13 -20.90 -18.06
C SER A 159 -6.07 -20.45 -16.90
N ARG A 160 -5.83 -20.90 -15.66
CA ARG A 160 -6.60 -20.47 -14.49
C ARG A 160 -6.77 -18.94 -14.24
N LEU A 161 -5.76 -18.15 -14.57
CA LEU A 161 -5.89 -16.75 -14.31
C LEU A 161 -7.12 -16.25 -15.01
N ALA A 162 -7.37 -16.72 -16.24
CA ALA A 162 -8.56 -16.27 -16.98
C ALA A 162 -9.81 -16.29 -16.15
N ASN A 163 -10.12 -17.37 -15.42
CA ASN A 163 -11.44 -17.41 -14.69
C ASN A 163 -11.58 -16.50 -13.49
N TYR A 164 -10.47 -15.95 -13.00
CA TYR A 164 -10.53 -15.09 -11.82
C TYR A 164 -10.46 -13.63 -12.18
N LEU A 165 -10.00 -13.34 -13.39
CA LEU A 165 -10.07 -11.97 -13.90
C LEU A 165 -11.48 -11.68 -14.44
N ASN A 166 -11.66 -10.45 -14.92
CA ASN A 166 -12.89 -9.90 -15.47
C ASN A 166 -12.56 -9.40 -16.86
N PRO A 167 -13.41 -9.75 -17.86
CA PRO A 167 -13.56 -8.94 -19.08
C PRO A 167 -13.26 -7.43 -18.90
N ASP A 168 -12.20 -6.96 -19.56
CA ASP A 168 -11.87 -5.53 -19.69
C ASP A 168 -12.06 -5.26 -21.17
N LYS A 169 -13.23 -4.71 -21.49
CA LYS A 169 -13.66 -4.45 -22.88
C LYS A 169 -12.69 -3.57 -23.73
N LYS A 170 -12.22 -2.46 -23.15
CA LYS A 170 -11.26 -1.54 -23.80
C LYS A 170 -9.91 -2.20 -24.02
N LYS A 171 -9.50 -3.01 -23.04
CA LYS A 171 -8.25 -3.71 -23.12
C LYS A 171 -8.40 -4.78 -24.15
N LEU A 172 -9.64 -5.25 -24.30
CA LEU A 172 -9.97 -6.23 -25.32
C LEU A 172 -9.94 -5.61 -26.70
N ALA A 173 -10.63 -4.48 -26.85
CA ALA A 173 -10.61 -3.71 -28.10
C ALA A 173 -9.25 -3.00 -28.40
N ALA A 174 -8.14 -3.63 -28.03
CA ALA A 174 -6.81 -3.00 -28.12
C ALA A 174 -5.66 -3.99 -28.40
N LYS A 175 -5.84 -5.27 -28.02
CA LYS A 175 -5.05 -6.39 -28.56
C LYS A 175 -5.92 -7.26 -29.46
N ARG A 183 2.31 -20.00 -25.52
CA ARG A 183 3.68 -20.21 -25.93
C ARG A 183 4.50 -20.57 -24.70
N VAL A 184 3.96 -21.44 -23.85
CA VAL A 184 4.46 -21.68 -22.50
C VAL A 184 4.42 -23.17 -22.31
N THR A 185 5.30 -23.75 -21.51
CA THR A 185 5.22 -25.20 -21.20
C THR A 185 5.69 -25.45 -19.81
N ASN A 186 5.13 -26.47 -19.15
CA ASN A 186 5.66 -26.88 -17.86
C ASN A 186 6.91 -27.74 -18.00
N LEU A 187 7.69 -27.84 -16.93
CA LEU A 187 8.81 -28.75 -16.99
C LEU A 187 8.41 -30.20 -16.84
N THR A 188 7.42 -30.46 -15.99
CA THR A 188 6.54 -31.62 -16.15
C THR A 188 6.61 -32.31 -17.54
N GLU A 189 6.36 -31.58 -18.64
CA GLU A 189 6.35 -32.12 -20.02
C GLU A 189 7.71 -32.61 -20.60
N LEU A 190 8.79 -32.35 -19.87
CA LEU A 190 10.16 -32.58 -20.34
C LEU A 190 10.92 -33.50 -19.37
N LEU A 191 10.68 -33.28 -18.07
CA LEU A 191 11.25 -34.06 -16.99
C LEU A 191 10.01 -34.41 -16.18
N PRO A 192 9.57 -35.66 -16.24
CA PRO A 192 8.31 -35.95 -15.56
C PRO A 192 8.40 -36.06 -14.05
N GLY A 193 9.57 -36.00 -13.46
CA GLY A 193 9.58 -36.34 -12.06
C GLY A 193 10.03 -35.14 -11.27
N ILE A 194 10.19 -34.00 -11.93
CA ILE A 194 10.90 -32.88 -11.34
C ILE A 194 10.12 -32.27 -10.14
N THR A 195 10.76 -32.21 -8.97
CA THR A 195 10.12 -31.59 -7.83
C THR A 195 10.68 -30.21 -7.53
N HIS A 196 9.89 -29.46 -6.77
CA HIS A 196 10.28 -28.18 -6.25
C HIS A 196 11.56 -28.38 -5.46
N GLU A 197 11.65 -29.42 -4.65
CA GLU A 197 12.88 -29.62 -3.84
C GLU A 197 14.06 -29.86 -4.74
N GLN A 198 13.83 -30.64 -5.79
CA GLN A 198 14.85 -30.99 -6.76
C GLN A 198 15.29 -29.74 -7.52
N VAL A 199 14.34 -28.89 -7.88
CA VAL A 199 14.66 -27.64 -8.57
C VAL A 199 15.24 -26.58 -7.62
N CYS A 200 14.92 -26.71 -6.34
CA CYS A 200 15.70 -25.98 -5.37
C CYS A 200 17.16 -26.43 -5.28
N GLU A 201 17.46 -27.70 -5.03
CA GLU A 201 18.88 -28.13 -5.00
C GLU A 201 19.64 -27.62 -6.24
N ALA A 202 19.09 -27.86 -7.42
CA ALA A 202 19.76 -27.44 -8.61
C ALA A 202 20.21 -25.99 -8.55
N ILE A 203 19.26 -25.06 -8.41
CA ILE A 203 19.55 -23.61 -8.33
C ILE A 203 20.50 -23.32 -7.17
N THR A 204 20.24 -23.98 -6.05
CA THR A 204 21.06 -23.74 -4.87
C THR A 204 22.50 -23.96 -5.22
N GLU A 205 22.78 -25.08 -5.89
CA GLU A 205 24.16 -25.42 -6.26
C GLU A 205 24.69 -24.47 -7.30
N ALA A 206 23.90 -24.13 -8.29
CA ALA A 206 24.45 -23.23 -9.26
C ALA A 206 24.83 -21.95 -8.54
N PHE A 207 24.16 -21.68 -7.41
CA PHE A 207 24.40 -20.49 -6.61
C PHE A 207 25.71 -20.59 -5.82
N PHE A 208 25.80 -21.58 -4.91
CA PHE A 208 27.05 -22.00 -4.26
C PHE A 208 28.22 -22.19 -5.23
N ALA A 209 27.98 -22.67 -6.46
CA ALA A 209 29.08 -22.74 -7.47
C ALA A 209 29.59 -21.35 -7.85
N HIS A 210 28.68 -20.46 -8.25
CA HIS A 210 29.12 -19.16 -8.73
C HIS A 210 29.97 -18.36 -7.73
N TYR A 211 29.61 -18.44 -6.45
CA TYR A 211 30.24 -17.62 -5.44
C TYR A 211 31.40 -18.34 -4.74
N GLY A 212 31.59 -19.63 -5.01
CA GLY A 212 32.69 -20.37 -4.41
C GLY A 212 32.52 -20.77 -2.96
N GLU A 213 31.31 -20.66 -2.40
CA GLU A 213 31.10 -20.91 -0.98
C GLU A 213 29.74 -21.60 -0.83
N ARG A 214 29.50 -22.20 0.35
CA ARG A 214 28.19 -22.77 0.76
C ARG A 214 27.86 -22.28 2.14
N VAL A 215 26.58 -22.24 2.50
CA VAL A 215 26.15 -21.87 3.85
C VAL A 215 24.96 -22.75 4.19
N GLU A 216 24.69 -22.94 5.49
CA GLU A 216 23.45 -23.65 5.87
C GLU A 216 22.21 -22.94 5.30
N ALA A 217 21.24 -23.74 4.91
CA ALA A 217 19.95 -23.19 4.65
C ALA A 217 19.19 -22.78 5.96
N GLU A 218 18.72 -21.53 5.94
CA GLU A 218 17.67 -21.03 6.82
C GLU A 218 16.24 -21.42 6.37
N ILE A 219 15.59 -22.33 7.08
CA ILE A 219 14.23 -22.71 6.70
C ILE A 219 13.22 -21.86 7.46
N ILE A 220 12.75 -20.84 6.80
CA ILE A 220 11.80 -19.93 7.35
C ILE A 220 10.35 -20.34 7.02
N SER A 221 9.47 -20.00 7.94
CA SER A 221 8.05 -20.21 7.79
C SER A 221 7.46 -19.24 8.80
N PRO A 222 6.15 -19.01 8.69
CA PRO A 222 5.62 -17.90 9.44
C PRO A 222 5.33 -18.27 10.91
N ASN A 223 5.51 -19.51 11.30
CA ASN A 223 5.23 -19.83 12.69
C ASN A 223 6.28 -19.26 13.64
N LYS A 224 7.40 -18.82 13.07
CA LYS A 224 8.50 -18.15 13.79
C LYS A 224 9.30 -17.14 12.94
N THR A 225 9.58 -16.00 13.58
CA THR A 225 10.24 -14.85 12.94
C THR A 225 11.51 -15.26 12.29
N PRO A 226 11.60 -15.11 10.96
CA PRO A 226 12.85 -15.25 10.25
C PRO A 226 13.79 -14.14 10.70
N ASP A 227 15.08 -14.30 10.45
CA ASP A 227 16.02 -13.34 10.95
C ASP A 227 16.29 -12.28 9.86
N LEU A 228 15.36 -11.32 9.90
CA LEU A 228 15.29 -10.21 8.95
C LEU A 228 14.79 -9.02 9.76
N PRO A 229 15.41 -7.85 9.56
CA PRO A 229 15.06 -6.73 10.49
C PRO A 229 13.61 -6.30 10.22
N ASN A 230 12.91 -5.75 11.21
CA ASN A 230 11.49 -5.40 11.05
C ASN A 230 10.58 -6.36 10.33
N PHE A 231 10.73 -7.65 10.54
CA PHE A 231 9.88 -8.55 9.81
C PHE A 231 8.44 -8.56 10.24
N ALA A 232 8.24 -8.42 11.55
CA ALA A 232 6.94 -8.60 12.12
C ALA A 232 6.11 -7.45 11.62
N GLU A 233 6.62 -6.23 11.69
CA GLU A 233 5.78 -5.16 11.18
C GLU A 233 5.43 -5.40 9.72
N THR A 234 6.48 -5.76 8.92
CA THR A 234 6.39 -5.95 7.48
C THR A 234 5.34 -7.03 7.16
N PHE A 235 5.38 -8.14 7.89
CA PHE A 235 4.43 -9.23 7.64
C PHE A 235 3.03 -8.80 7.99
N ALA A 236 2.85 -8.16 9.14
CA ALA A 236 1.57 -7.57 9.51
C ALA A 236 0.96 -6.71 8.40
N ARG A 237 1.68 -5.68 7.93
CA ARG A 237 1.08 -4.81 6.92
C ARG A 237 0.77 -5.60 5.68
N GLN A 238 1.73 -6.42 5.26
CA GLN A 238 1.71 -7.04 3.95
C GLN A 238 0.58 -7.96 3.94
N SER A 239 0.25 -8.54 5.10
CA SER A 239 -0.91 -9.48 5.13
C SER A 239 -2.27 -8.86 5.42
N SER A 240 -2.31 -7.58 5.67
CA SER A 240 -3.55 -7.02 6.07
C SER A 240 -4.54 -6.90 4.90
N TRP A 241 -5.80 -7.22 5.17
CA TRP A 241 -6.86 -6.97 4.20
C TRP A 241 -6.82 -5.58 3.61
N GLU A 242 -6.58 -4.53 4.43
CA GLU A 242 -6.64 -3.18 3.89
C GLU A 242 -5.57 -2.92 2.87
N TRP A 243 -4.37 -3.43 3.11
CA TRP A 243 -3.34 -3.42 2.05
C TRP A 243 -3.72 -4.27 0.82
N ASN A 244 -4.10 -5.54 1.02
CA ASN A 244 -4.31 -6.39 -0.14
C ASN A 244 -5.53 -5.96 -0.96
N PHE A 245 -6.63 -5.70 -0.26
CA PHE A 245 -7.89 -5.39 -0.91
C PHE A 245 -8.18 -3.94 -0.92
N GLY A 246 -8.51 -3.36 0.24
CA GLY A 246 -9.04 -2.01 0.34
C GLY A 246 -10.49 -1.94 -0.12
N GLN A 247 -11.29 -1.00 0.43
CA GLN A 247 -12.70 -0.80 -0.01
C GLN A 247 -12.75 -0.57 -1.51
N ALA A 248 -13.80 -0.97 -2.20
CA ALA A 248 -14.01 -0.51 -3.57
C ALA A 248 -14.05 1.06 -3.64
N PRO A 249 -13.63 1.66 -4.76
CA PRO A 249 -13.77 3.10 -4.80
C PRO A 249 -15.20 3.51 -5.11
N ALA A 250 -15.73 4.49 -4.36
CA ALA A 250 -17.06 5.04 -4.59
C ALA A 250 -16.97 6.55 -4.86
N PHE A 251 -17.04 6.88 -6.14
CA PHE A 251 -17.18 8.28 -6.56
C PHE A 251 -18.25 8.31 -7.61
N SER A 252 -18.59 9.53 -8.01
CA SER A 252 -19.65 9.70 -8.95
C SER A 252 -19.24 9.89 -10.40
N HIS A 253 -17.97 10.09 -10.73
CA HIS A 253 -17.52 10.14 -12.16
C HIS A 253 -16.41 9.12 -12.47
N LEU A 254 -16.47 8.46 -13.62
CA LEU A 254 -15.45 7.52 -13.99
C LEU A 254 -14.89 7.90 -15.33
N LEU A 255 -13.56 7.87 -15.51
CA LEU A 255 -12.94 7.89 -16.86
C LEU A 255 -11.86 6.84 -16.95
N ASP A 256 -11.88 6.06 -18.01
CA ASP A 256 -10.87 5.03 -18.18
C ASP A 256 -10.49 5.01 -19.65
N GLU A 257 -9.41 4.32 -19.95
CA GLU A 257 -8.86 4.28 -21.29
C GLU A 257 -7.79 3.21 -21.17
N ARG A 258 -7.52 2.53 -22.28
CA ARG A 258 -6.41 1.60 -22.33
C ARG A 258 -5.36 2.30 -23.20
N PHE A 259 -4.10 2.22 -22.82
CA PHE A 259 -3.01 2.82 -23.61
C PHE A 259 -1.97 1.74 -23.94
N THR A 260 -1.25 1.88 -25.06
CA THR A 260 -0.11 1.01 -25.34
C THR A 260 0.62 0.56 -24.05
N TRP A 261 0.77 1.46 -23.06
CA TRP A 261 1.56 1.17 -21.83
C TRP A 261 0.75 0.86 -20.60
N GLY A 262 -0.58 0.83 -20.73
CA GLY A 262 -1.47 0.37 -19.64
C GLY A 262 -2.88 0.97 -19.57
N GLY A 263 -3.78 0.33 -18.81
CA GLY A 263 -5.13 0.87 -18.48
C GLY A 263 -5.16 1.84 -17.31
N VAL A 264 -6.02 2.83 -17.40
CA VAL A 264 -6.15 3.80 -16.33
C VAL A 264 -7.60 4.02 -16.10
N GLU A 265 -8.01 3.83 -14.84
CA GLU A 265 -9.31 4.28 -14.35
C GLU A 265 -9.15 5.47 -13.45
N LEU A 266 -9.82 6.56 -13.81
CA LEU A 266 -9.80 7.77 -13.02
C LEU A 266 -11.20 8.03 -12.43
N HIS A 267 -11.26 7.98 -11.09
CA HIS A 267 -12.52 8.22 -10.35
C HIS A 267 -12.52 9.58 -9.69
N PHE A 268 -13.67 10.23 -9.62
CA PHE A 268 -13.68 11.52 -8.95
C PHE A 268 -15.01 12.16 -8.73
N ASP A 269 -14.98 13.21 -7.94
CA ASP A 269 -16.16 14.02 -7.64
C ASP A 269 -15.99 15.45 -8.08
N VAL A 270 -17.07 16.06 -8.54
CA VAL A 270 -17.05 17.47 -8.85
C VAL A 270 -18.10 18.21 -8.04
N GLU A 271 -17.65 19.23 -7.32
CA GLU A 271 -18.59 20.11 -6.65
C GLU A 271 -18.17 21.53 -6.83
N LYS A 272 -19.13 22.32 -7.29
CA LYS A 272 -18.96 23.72 -7.66
C LYS A 272 -17.83 23.79 -8.63
N GLY A 273 -17.96 23.09 -9.75
CA GLY A 273 -16.89 23.15 -10.78
C GLY A 273 -15.46 22.76 -10.44
N HIS A 274 -15.17 22.26 -9.24
CA HIS A 274 -13.80 21.72 -8.96
C HIS A 274 -13.89 20.29 -8.50
N ILE A 275 -12.76 19.58 -8.55
CA ILE A 275 -12.73 18.19 -8.06
C ILE A 275 -12.57 18.20 -6.58
N THR A 276 -13.37 17.44 -5.88
CA THR A 276 -13.32 17.43 -4.41
C THR A 276 -12.61 16.21 -3.88
N ARG A 277 -12.62 15.15 -4.68
CA ARG A 277 -11.89 13.95 -4.33
C ARG A 277 -11.63 13.17 -5.61
N ALA A 278 -10.60 12.35 -5.62
CA ALA A 278 -10.25 11.66 -6.86
C ALA A 278 -9.26 10.56 -6.64
N GLN A 279 -9.37 9.52 -7.47
CA GLN A 279 -8.49 8.38 -7.28
C GLN A 279 -8.21 7.72 -8.56
N VAL A 280 -6.99 7.21 -8.69
CA VAL A 280 -6.53 6.66 -9.96
C VAL A 280 -5.99 5.27 -9.86
N PHE A 281 -6.54 4.34 -10.63
CA PHE A 281 -5.92 3.03 -10.72
C PHE A 281 -5.27 2.78 -12.07
N THR A 282 -4.40 1.79 -12.14
CA THR A 282 -3.72 1.46 -13.38
C THR A 282 -2.99 0.13 -13.24
N ASP A 283 -2.52 -0.44 -14.37
CA ASP A 283 -1.70 -1.69 -14.38
C ASP A 283 -0.38 -1.44 -15.03
N SER A 284 -0.13 -0.19 -15.36
CA SER A 284 1.16 0.28 -15.86
C SER A 284 2.35 -0.15 -14.97
N LEU A 285 3.42 -0.64 -15.62
CA LEU A 285 4.61 -1.10 -14.93
C LEU A 285 5.09 -0.08 -13.96
N ASN A 286 5.19 1.18 -14.37
CA ASN A 286 5.41 2.25 -13.39
C ASN A 286 4.18 3.15 -13.06
N PRO A 287 3.46 2.84 -11.96
CA PRO A 287 2.33 3.69 -11.61
C PRO A 287 2.66 5.05 -11.02
N ALA A 288 3.88 5.27 -10.54
CA ALA A 288 4.22 6.60 -9.98
C ALA A 288 3.56 7.83 -10.63
N PRO A 289 3.74 8.06 -11.92
CA PRO A 289 3.30 9.31 -12.46
C PRO A 289 1.77 9.43 -12.50
N LEU A 290 1.05 8.33 -12.44
CA LEU A 290 -0.40 8.37 -12.21
C LEU A 290 -0.77 8.62 -10.74
N GLU A 291 0.01 8.03 -9.84
CA GLU A 291 -0.21 8.16 -8.43
C GLU A 291 -0.04 9.63 -8.13
N ALA A 292 1.03 10.23 -8.63
CA ALA A 292 1.25 11.61 -8.38
C ALA A 292 0.29 12.49 -9.17
N LEU A 293 -0.48 11.90 -10.09
CA LEU A 293 -1.45 12.70 -10.86
C LEU A 293 -2.70 12.92 -10.04
N ALA A 294 -3.19 11.83 -9.48
CA ALA A 294 -4.32 11.90 -8.57
C ALA A 294 -3.99 12.89 -7.47
N GLY A 295 -2.71 12.94 -7.11
CA GLY A 295 -2.22 13.79 -6.05
C GLY A 295 -2.43 15.24 -6.38
N ARG A 296 -2.22 15.61 -7.64
CA ARG A 296 -2.38 16.99 -8.01
C ARG A 296 -3.75 17.26 -8.65
N LEU A 297 -4.69 16.35 -8.48
CA LEU A 297 -5.93 16.55 -9.14
C LEU A 297 -6.98 17.04 -8.17
N GLN A 298 -6.84 16.69 -6.88
CA GLN A 298 -7.63 17.27 -5.78
C GLN A 298 -7.73 18.80 -5.84
N GLY A 299 -8.93 19.33 -5.80
CA GLY A 299 -9.13 20.72 -5.69
C GLY A 299 -9.11 21.31 -7.05
N CYS A 300 -8.62 20.57 -8.05
CA CYS A 300 -8.46 21.13 -9.39
C CYS A 300 -9.72 21.70 -9.98
N LEU A 301 -9.58 22.83 -10.66
CA LEU A 301 -10.68 23.33 -11.46
C LEU A 301 -11.03 22.22 -12.46
N TYR A 302 -12.29 21.79 -12.38
CA TYR A 302 -12.78 20.78 -13.30
C TYR A 302 -13.04 21.29 -14.71
N ARG A 303 -11.98 21.56 -15.47
CA ARG A 303 -12.09 22.04 -16.83
C ARG A 303 -10.84 21.60 -17.67
N ALA A 304 -11.00 21.35 -18.97
CA ALA A 304 -9.88 20.74 -19.70
C ALA A 304 -8.54 21.46 -19.49
N ASP A 305 -8.47 22.76 -19.72
CA ASP A 305 -7.24 23.47 -19.44
C ASP A 305 -6.54 23.23 -18.06
N MSE A 306 -7.22 23.37 -16.91
CA MSE A 306 -6.54 23.09 -15.62
C MSE A 306 -6.14 21.64 -15.42
O MSE A 306 -5.10 21.37 -14.87
CB MSE A 306 -7.37 23.52 -14.39
CG MSE A 306 -7.44 24.99 -14.16
SE MSE A 306 -5.72 25.92 -14.19
CE MSE A 306 -5.77 26.58 -16.12
N LEU A 307 -6.96 20.70 -15.87
CA LEU A 307 -6.63 19.29 -15.77
C LEU A 307 -5.37 19.06 -16.55
N GLN A 308 -5.27 19.70 -17.71
CA GLN A 308 -4.12 19.52 -18.55
C GLN A 308 -2.91 20.14 -17.92
N GLN A 309 -3.13 21.25 -17.24
CA GLN A 309 -2.07 21.99 -16.60
C GLN A 309 -1.45 21.17 -15.48
N GLU A 310 -2.30 20.55 -14.65
CA GLU A 310 -1.79 19.83 -13.51
C GLU A 310 -1.03 18.59 -13.98
N CYS A 311 -1.69 17.78 -14.79
CA CYS A 311 -1.06 16.69 -15.47
C CYS A 311 0.32 17.07 -15.98
N GLU A 312 0.40 18.13 -16.76
CA GLU A 312 1.69 18.54 -17.29
C GLU A 312 2.75 19.17 -16.39
N ALA A 313 2.41 19.76 -15.24
CA ALA A 313 3.45 20.23 -14.31
C ALA A 313 4.29 19.08 -13.76
N LEU A 314 3.78 17.87 -13.90
CA LEU A 314 4.47 16.65 -13.44
C LEU A 314 5.73 16.30 -14.28
N LEU A 315 5.77 16.76 -15.51
CA LEU A 315 6.81 16.41 -16.40
C LEU A 315 8.21 16.54 -15.84
N VAL A 316 8.54 17.68 -15.24
CA VAL A 316 9.94 17.91 -14.84
C VAL A 316 10.59 16.80 -13.98
N ASP A 317 9.77 16.02 -13.28
CA ASP A 317 10.26 14.94 -12.39
C ASP A 317 9.92 13.57 -12.92
N PHE A 318 9.41 13.51 -14.16
CA PHE A 318 9.11 12.23 -14.80
C PHE A 318 9.66 12.09 -16.22
N PRO A 319 10.89 12.58 -16.48
CA PRO A 319 11.34 12.61 -17.87
C PRO A 319 11.20 11.22 -18.56
N GLU A 320 11.52 10.10 -17.89
CA GLU A 320 11.23 8.80 -18.54
C GLU A 320 9.83 8.57 -19.04
N GLN A 321 8.84 9.21 -18.40
CA GLN A 321 7.44 8.87 -18.62
C GLN A 321 6.72 10.00 -19.35
N GLU A 322 7.48 10.78 -20.13
CA GLU A 322 6.94 11.99 -20.76
C GLU A 322 5.79 11.74 -21.78
N LYS A 323 5.84 10.57 -22.43
CA LYS A 323 4.89 10.16 -23.43
C LYS A 323 3.62 9.73 -22.69
N GLU A 324 3.77 8.83 -21.74
CA GLU A 324 2.69 8.51 -20.85
C GLU A 324 1.95 9.81 -20.44
N LEU A 325 2.60 10.75 -19.76
CA LEU A 325 1.95 12.05 -19.44
C LEU A 325 1.30 12.82 -20.60
N ARG A 326 2.02 13.05 -21.68
CA ARG A 326 1.42 13.68 -22.86
C ARG A 326 0.07 13.07 -23.27
N GLU A 327 0.05 11.76 -23.44
CA GLU A 327 -1.17 11.06 -23.83
C GLU A 327 -2.24 11.18 -22.79
N LEU A 328 -1.89 11.06 -21.52
CA LEU A 328 -2.82 11.41 -20.40
C LEU A 328 -3.44 12.79 -20.51
N SER A 329 -2.59 13.78 -20.70
CA SER A 329 -3.04 15.13 -20.82
C SER A 329 -4.05 15.21 -21.96
N ALA A 330 -3.60 14.87 -23.16
CA ALA A 330 -4.44 14.85 -24.35
C ALA A 330 -5.80 14.19 -24.09
N TRP A 331 -5.75 13.00 -23.51
CA TRP A 331 -6.91 12.20 -23.26
C TRP A 331 -7.91 12.98 -22.43
N MSE A 332 -7.39 13.56 -21.35
CA MSE A 332 -8.25 14.25 -20.44
C MSE A 332 -8.90 15.43 -21.11
O MSE A 332 -10.13 15.59 -21.03
CB MSE A 332 -7.46 14.71 -19.25
CG MSE A 332 -7.27 13.58 -18.30
SE MSE A 332 -6.71 14.21 -16.56
CE MSE A 332 -5.17 15.44 -17.20
N ALA A 333 -8.10 16.21 -21.81
CA ALA A 333 -8.64 17.38 -22.48
C ALA A 333 -9.85 16.95 -23.28
N GLY A 334 -9.66 15.91 -24.09
CA GLY A 334 -10.64 15.48 -25.06
C GLY A 334 -11.79 14.83 -24.36
N ALA A 335 -11.57 14.39 -23.13
CA ALA A 335 -12.56 13.57 -22.49
C ALA A 335 -13.56 14.32 -21.64
N VAL A 336 -13.29 15.58 -21.28
CA VAL A 336 -14.09 16.34 -20.28
C VAL A 336 -15.61 16.52 -20.53
N ARG A 337 -15.97 17.32 -21.56
CA ARG A 337 -17.38 17.46 -21.95
C ARG A 337 -17.88 16.09 -22.42
N SER B 1 -38.35 2.10 11.66
CA SER B 1 -38.10 0.66 11.53
C SER B 1 -37.43 0.20 12.81
N THR B 2 -37.97 -0.85 13.41
CA THR B 2 -37.36 -1.37 14.65
C THR B 2 -36.45 -2.59 14.48
N LEU B 3 -36.38 -3.12 13.26
CA LEU B 3 -35.55 -4.28 12.98
C LEU B 3 -34.41 -3.94 12.07
N ARG B 4 -33.28 -4.60 12.25
CA ARG B 4 -32.24 -4.55 11.25
C ARG B 4 -32.05 -5.94 10.71
N LEU B 5 -32.14 -6.00 9.38
CA LEU B 5 -31.86 -7.24 8.64
C LEU B 5 -30.61 -7.11 7.77
N LEU B 6 -29.55 -7.77 8.28
CA LEU B 6 -28.24 -7.82 7.62
C LEU B 6 -28.04 -9.14 6.91
N ILE B 7 -27.80 -9.04 5.60
CA ILE B 7 -27.44 -10.17 4.77
C ILE B 7 -26.02 -9.96 4.27
N SER B 8 -25.13 -10.86 4.69
CA SER B 8 -23.75 -10.80 4.18
C SER B 8 -23.75 -11.25 2.73
N ASP B 9 -23.15 -10.43 1.87
CA ASP B 9 -22.86 -10.89 0.54
C ASP B 9 -21.46 -11.46 0.44
N SER B 10 -20.85 -11.80 1.59
CA SER B 10 -19.50 -12.29 1.54
C SER B 10 -19.35 -13.66 2.16
N TYR B 11 -18.45 -14.44 1.56
CA TYR B 11 -18.01 -15.74 2.11
C TYR B 11 -16.76 -15.61 2.99
N ASP B 12 -16.27 -14.36 3.11
CA ASP B 12 -15.11 -14.01 3.88
C ASP B 12 -15.32 -14.19 5.38
N PRO B 13 -14.68 -15.19 5.97
CA PRO B 13 -15.10 -15.55 7.31
C PRO B 13 -14.76 -14.45 8.32
N TRP B 14 -13.78 -13.62 7.96
CA TRP B 14 -13.25 -12.63 8.87
C TRP B 14 -14.26 -11.49 8.90
N PHE B 15 -14.74 -11.15 7.69
CA PHE B 15 -15.78 -10.17 7.56
C PHE B 15 -16.95 -10.66 8.35
N ASN B 16 -17.55 -11.79 7.97
CA ASN B 16 -18.73 -12.25 8.70
C ASN B 16 -18.59 -12.22 10.21
N LEU B 17 -17.42 -12.54 10.76
CA LEU B 17 -17.22 -12.44 12.19
C LEU B 17 -17.17 -10.99 12.76
N ALA B 18 -16.45 -10.11 12.04
CA ALA B 18 -16.38 -8.74 12.39
C ALA B 18 -17.79 -8.20 12.66
N VAL B 19 -18.69 -8.48 11.71
CA VAL B 19 -20.07 -8.13 11.81
C VAL B 19 -20.64 -8.78 13.05
N GLU B 20 -20.53 -10.09 13.20
CA GLU B 20 -21.11 -10.70 14.39
C GLU B 20 -20.62 -9.98 15.64
N GLU B 21 -19.37 -9.51 15.57
CA GLU B 21 -18.67 -8.95 16.71
C GLU B 21 -19.10 -7.51 16.95
N CYS B 22 -19.25 -6.74 15.88
CA CYS B 22 -19.94 -5.44 16.00
C CYS B 22 -21.29 -5.53 16.55
N ILE B 23 -22.06 -6.52 16.10
CA ILE B 23 -23.37 -6.77 16.68
C ILE B 23 -23.22 -7.19 18.13
N PHE B 24 -22.29 -8.07 18.45
CA PHE B 24 -22.14 -8.42 19.85
C PHE B 24 -21.71 -7.28 20.81
N ARG B 25 -20.99 -6.26 20.33
CA ARG B 25 -20.44 -5.33 21.29
C ARG B 25 -20.46 -3.86 20.91
N GLN B 26 -20.71 -3.52 19.64
CA GLN B 26 -20.66 -2.15 19.17
C GLN B 26 -22.02 -1.52 18.95
N MSE B 27 -22.99 -2.28 18.48
CA MSE B 27 -24.31 -1.75 18.34
C MSE B 27 -24.95 -1.56 19.72
O MSE B 27 -24.76 -2.38 20.62
CB MSE B 27 -25.16 -2.71 17.58
CG MSE B 27 -24.78 -2.90 16.13
SE MSE B 27 -26.13 -4.14 15.32
CE MSE B 27 -27.28 -2.82 14.23
N PRO B 28 -25.74 -0.49 19.88
CA PRO B 28 -26.44 -0.50 21.14
C PRO B 28 -27.64 -1.44 21.01
N ALA B 29 -27.90 -2.25 22.04
CA ALA B 29 -28.98 -3.22 22.04
C ALA B 29 -30.41 -2.64 21.98
N THR B 30 -30.62 -1.58 21.22
CA THR B 30 -31.88 -0.90 21.25
C THR B 30 -32.82 -1.36 20.11
N GLN B 31 -32.33 -2.25 19.25
CA GLN B 31 -33.14 -2.78 18.15
C GLN B 31 -33.15 -4.32 18.11
N ARG B 32 -33.69 -4.88 17.03
CA ARG B 32 -33.59 -6.33 16.81
C ARG B 32 -32.85 -6.66 15.57
N VAL B 33 -31.80 -7.44 15.72
CA VAL B 33 -30.94 -7.71 14.58
C VAL B 33 -31.02 -9.17 14.20
N LEU B 34 -31.25 -9.37 12.90
CA LEU B 34 -31.04 -10.70 12.32
C LEU B 34 -30.01 -10.54 11.25
N PHE B 35 -29.01 -11.40 11.31
CA PHE B 35 -27.94 -11.32 10.34
C PHE B 35 -27.73 -12.70 9.75
N LEU B 36 -27.97 -12.84 8.47
CA LEU B 36 -27.78 -14.12 7.84
C LEU B 36 -26.54 -14.12 6.99
N TRP B 37 -25.74 -15.19 7.14
CA TRP B 37 -24.45 -15.28 6.41
C TRP B 37 -24.04 -16.70 6.12
N ARG B 38 -22.92 -16.84 5.41
CA ARG B 38 -22.12 -18.07 5.48
C ARG B 38 -20.66 -17.90 5.07
N ASN B 39 -19.82 -18.77 5.59
CA ASN B 39 -18.44 -18.84 5.15
C ASN B 39 -18.12 -19.90 4.08
N ALA B 40 -17.08 -19.58 3.32
CA ALA B 40 -16.38 -20.51 2.47
C ALA B 40 -15.55 -21.34 3.43
N ASP B 41 -14.71 -22.22 2.92
CA ASP B 41 -14.12 -23.20 3.82
C ASP B 41 -13.26 -22.58 4.90
N THR B 42 -13.52 -22.92 6.14
CA THR B 42 -12.84 -22.25 7.22
C THR B 42 -12.70 -23.10 8.43
N VAL B 43 -11.61 -22.99 9.13
CA VAL B 43 -11.64 -23.55 10.46
C VAL B 43 -11.70 -22.39 11.42
N VAL B 44 -12.72 -22.37 12.27
CA VAL B 44 -12.79 -21.36 13.30
C VAL B 44 -12.38 -21.97 14.63
N ILE B 45 -11.36 -21.36 15.25
CA ILE B 45 -10.89 -21.78 16.57
C ILE B 45 -11.33 -20.85 17.68
N GLY B 46 -11.52 -21.41 18.87
CA GLY B 46 -11.82 -20.60 20.05
C GLY B 46 -10.61 -19.73 20.40
N ARG B 47 -10.83 -18.67 21.15
CA ARG B 47 -9.76 -17.74 21.44
C ARG B 47 -8.58 -18.29 22.21
N ALA B 48 -8.58 -19.52 22.67
CA ALA B 48 -7.41 -19.86 23.47
C ALA B 48 -6.68 -21.09 22.98
N GLN B 49 -6.93 -21.40 21.72
CA GLN B 49 -6.41 -22.56 21.11
C GLN B 49 -5.13 -22.27 20.38
N ASN B 50 -4.33 -23.31 20.18
CA ASN B 50 -3.11 -23.20 19.43
C ASN B 50 -3.15 -23.97 18.13
N PRO B 51 -3.39 -23.27 17.02
CA PRO B 51 -3.56 -23.88 15.69
C PRO B 51 -2.33 -24.67 15.27
N TRP B 52 -1.16 -24.15 15.65
CA TRP B 52 0.08 -24.78 15.32
C TRP B 52 -0.01 -26.18 15.82
N LYS B 53 -0.53 -26.38 17.02
CA LYS B 53 -0.71 -27.77 17.50
C LYS B 53 -2.07 -28.44 17.16
N GLU B 54 -3.17 -27.67 17.11
CA GLU B 54 -4.48 -28.24 16.74
C GLU B 54 -4.61 -28.62 15.26
N CYS B 55 -3.90 -27.93 14.39
CA CYS B 55 -4.15 -28.10 12.97
C CYS B 55 -2.98 -28.57 12.12
N ASN B 56 -3.32 -29.39 11.16
CA ASN B 56 -2.47 -29.62 10.03
C ASN B 56 -2.46 -28.37 9.14
N THR B 57 -1.60 -27.44 9.50
CA THR B 57 -1.66 -26.15 8.85
C THR B 57 -1.27 -26.27 7.37
N ARG B 58 -0.46 -27.28 7.09
CA ARG B 58 0.09 -27.52 5.77
C ARG B 58 -1.03 -28.03 4.88
N ARG B 59 -1.83 -29.00 5.35
CA ARG B 59 -2.87 -29.47 4.48
C ARG B 59 -3.85 -28.32 4.20
N MSE B 60 -4.09 -27.53 5.24
CA MSE B 60 -4.85 -26.29 5.11
C MSE B 60 -4.33 -25.33 4.04
O MSE B 60 -5.08 -24.78 3.24
CB MSE B 60 -4.93 -25.58 6.43
CG MSE B 60 -5.67 -26.37 7.45
SE MSE B 60 -6.08 -25.38 9.15
CE MSE B 60 -7.13 -23.90 8.26
N GLU B 61 -3.03 -25.08 4.02
CA GLU B 61 -2.50 -24.21 2.98
C GLU B 61 -2.77 -24.84 1.61
N GLU B 62 -2.50 -26.15 1.51
CA GLU B 62 -2.73 -26.92 0.29
C GLU B 62 -4.22 -26.97 -0.14
N ASP B 63 -5.17 -26.84 0.76
CA ASP B 63 -6.54 -26.83 0.24
C ASP B 63 -7.13 -25.43 0.20
N ASN B 64 -6.27 -24.47 0.47
CA ASN B 64 -6.72 -23.14 0.74
C ASN B 64 -7.94 -23.14 1.69
N VAL B 65 -7.78 -23.70 2.89
CA VAL B 65 -8.79 -23.61 3.95
C VAL B 65 -8.41 -22.46 4.91
N ARG B 66 -9.23 -21.42 5.03
CA ARG B 66 -8.92 -20.29 5.93
C ARG B 66 -8.94 -20.68 7.43
N LEU B 67 -8.25 -19.92 8.28
CA LEU B 67 -8.43 -20.06 9.75
C LEU B 67 -8.94 -18.75 10.40
N ALA B 68 -9.73 -18.89 11.47
CA ALA B 68 -10.22 -17.71 12.16
C ALA B 68 -10.37 -17.98 13.62
N ARG B 69 -9.92 -17.02 14.43
CA ARG B 69 -10.03 -17.10 15.87
C ARG B 69 -11.24 -16.33 16.23
N ARG B 70 -12.10 -16.89 17.04
CA ARG B 70 -13.32 -16.20 17.50
C ARG B 70 -13.02 -15.75 18.94
N SER B 71 -13.84 -14.87 19.53
CA SER B 71 -13.56 -14.28 20.86
C SER B 71 -13.79 -15.28 21.94
N SER B 72 -14.77 -16.15 21.72
CA SER B 72 -15.20 -17.06 22.76
C SER B 72 -14.23 -18.23 22.94
N GLY B 73 -14.43 -19.01 24.00
CA GLY B 73 -13.61 -20.20 24.25
C GLY B 73 -14.10 -21.31 23.34
N GLY B 74 -13.86 -22.57 23.74
CA GLY B 74 -14.34 -23.72 22.96
C GLY B 74 -13.33 -24.16 21.92
N GLY B 75 -13.68 -25.16 21.12
CA GLY B 75 -12.73 -25.81 20.22
C GLY B 75 -12.97 -25.50 18.76
N ALA B 76 -12.49 -26.35 17.86
CA ALA B 76 -12.60 -26.00 16.43
C ALA B 76 -13.90 -26.42 15.79
N VAL B 77 -14.27 -25.67 14.77
CA VAL B 77 -15.53 -25.75 14.05
C VAL B 77 -15.20 -25.60 12.53
N PHE B 78 -15.99 -26.25 11.68
CA PHE B 78 -15.74 -26.16 10.25
C PHE B 78 -16.92 -25.48 9.59
N HIS B 79 -16.67 -24.71 8.53
CA HIS B 79 -17.74 -24.03 7.75
C HIS B 79 -17.43 -24.28 6.31
N ASP B 80 -18.45 -24.51 5.51
CA ASP B 80 -18.35 -24.42 4.04
C ASP B 80 -19.60 -23.72 3.60
N LEU B 81 -19.66 -23.30 2.35
CA LEU B 81 -20.93 -22.82 1.78
C LEU B 81 -22.24 -23.63 2.09
N GLY B 82 -22.12 -24.85 2.59
CA GLY B 82 -23.27 -25.71 2.84
C GLY B 82 -23.78 -25.62 4.24
N ASN B 83 -23.19 -24.70 5.00
CA ASN B 83 -23.76 -24.21 6.28
C ASN B 83 -24.40 -22.88 6.01
N THR B 84 -25.65 -22.80 6.40
CA THR B 84 -26.35 -21.54 6.37
C THR B 84 -26.43 -21.02 7.80
N CYS B 85 -26.00 -19.79 7.99
CA CYS B 85 -25.71 -19.26 9.33
C CYS B 85 -26.45 -18.00 9.73
N PHE B 86 -26.85 -17.99 10.99
CA PHE B 86 -27.75 -16.93 11.42
C PHE B 86 -27.40 -16.34 12.79
N THR B 87 -27.77 -15.08 12.99
CA THR B 87 -27.36 -14.36 14.19
C THR B 87 -28.39 -13.35 14.60
N PHE B 88 -28.89 -13.54 15.82
CA PHE B 88 -29.95 -12.72 16.39
C PHE B 88 -29.43 -11.96 17.59
N MSE B 89 -29.68 -10.68 17.64
CA MSE B 89 -29.45 -10.01 18.87
C MSE B 89 -30.63 -9.09 19.10
O MSE B 89 -31.13 -8.47 18.15
CB MSE B 89 -28.08 -9.30 18.84
CG MSE B 89 -27.70 -8.35 20.03
SE MSE B 89 -28.59 -6.56 20.09
CE MSE B 89 -27.66 -5.49 18.77
N ALA B 90 -31.09 -9.07 20.34
CA ALA B 90 -31.96 -8.00 20.84
C ALA B 90 -31.62 -7.64 22.28
N GLY B 91 -32.01 -6.42 22.68
CA GLY B 91 -31.87 -5.93 24.06
C GLY B 91 -32.75 -6.52 25.13
N LYS B 92 -32.32 -6.42 26.38
CA LYS B 92 -33.15 -6.78 27.53
C LYS B 92 -34.11 -5.64 27.99
N PRO B 93 -35.14 -5.95 28.81
CA PRO B 93 -35.63 -7.24 29.30
C PRO B 93 -36.33 -8.02 28.21
N GLU B 94 -36.52 -7.38 27.05
CA GLU B 94 -37.44 -7.93 26.07
C GLU B 94 -37.07 -9.36 25.57
N TYR B 95 -35.77 -9.63 25.38
CA TYR B 95 -35.39 -10.75 24.54
C TYR B 95 -34.70 -11.86 25.28
N ASP B 96 -35.11 -13.09 24.96
CA ASP B 96 -34.36 -14.29 25.35
C ASP B 96 -34.16 -15.33 24.24
N LYS B 97 -33.75 -16.52 24.64
CA LYS B 97 -33.35 -17.56 23.68
C LYS B 97 -34.58 -18.16 23.00
N THR B 98 -35.67 -18.25 23.74
CA THR B 98 -36.84 -18.91 23.24
C THR B 98 -37.28 -18.19 21.96
N ILE B 99 -37.18 -16.85 21.96
CA ILE B 99 -37.76 -16.07 20.87
C ILE B 99 -37.18 -16.51 19.55
N SER B 100 -35.87 -16.54 19.46
CA SER B 100 -35.22 -16.80 18.20
C SER B 100 -35.21 -18.29 17.87
N THR B 101 -35.15 -19.17 18.89
CA THR B 101 -35.33 -20.62 18.65
C THR B 101 -36.57 -20.91 17.77
N SER B 102 -37.71 -20.33 18.16
CA SER B 102 -38.99 -20.64 17.51
C SER B 102 -39.21 -19.83 16.23
N ILE B 103 -38.60 -18.67 16.13
CA ILE B 103 -38.47 -18.09 14.83
C ILE B 103 -37.82 -19.10 13.86
N VAL B 104 -36.86 -19.88 14.35
CA VAL B 104 -36.17 -20.79 13.46
C VAL B 104 -37.08 -22.00 13.22
N LEU B 105 -37.49 -22.64 14.30
CA LEU B 105 -38.47 -23.70 14.23
C LEU B 105 -39.63 -23.39 13.27
N ASN B 106 -40.22 -22.20 13.40
CA ASN B 106 -41.25 -21.78 12.47
C ASN B 106 -40.71 -21.83 11.09
N ALA B 107 -39.55 -21.21 10.89
CA ALA B 107 -39.02 -21.11 9.55
C ALA B 107 -38.89 -22.52 8.93
N LEU B 108 -38.63 -23.51 9.75
CA LEU B 108 -38.44 -24.82 9.24
C LEU B 108 -39.80 -25.39 8.88
N ASN B 109 -40.70 -25.38 9.85
CA ASN B 109 -42.08 -25.73 9.51
C ASN B 109 -42.46 -25.10 8.15
N ALA B 110 -42.02 -23.87 7.87
CA ALA B 110 -42.44 -23.19 6.65
C ALA B 110 -41.92 -23.90 5.45
N LEU B 111 -40.82 -24.58 5.61
CA LEU B 111 -40.22 -25.22 4.46
C LEU B 111 -40.59 -26.72 4.54
N GLY B 112 -41.28 -27.09 5.62
CA GLY B 112 -41.79 -28.44 5.80
C GLY B 112 -40.87 -29.37 6.54
N VAL B 113 -40.05 -28.85 7.42
CA VAL B 113 -39.32 -29.74 8.28
C VAL B 113 -39.90 -29.53 9.64
N SER B 114 -40.23 -30.60 10.36
CA SER B 114 -40.75 -30.41 11.73
C SER B 114 -39.70 -30.87 12.68
N ALA B 115 -39.07 -29.91 13.34
CA ALA B 115 -37.98 -30.17 14.25
C ALA B 115 -38.35 -29.70 15.64
N GLU B 116 -37.61 -30.15 16.65
CA GLU B 116 -37.75 -29.67 18.02
C GLU B 116 -36.34 -29.43 18.65
N ALA B 117 -36.27 -29.26 19.96
CA ALA B 117 -35.13 -28.60 20.57
C ALA B 117 -34.13 -29.41 21.42
N SER B 118 -33.85 -30.68 21.09
CA SER B 118 -33.00 -31.50 21.99
C SER B 118 -31.69 -30.80 22.46
N GLY B 119 -31.35 -31.00 23.75
CA GLY B 119 -30.16 -30.40 24.37
C GLY B 119 -30.28 -28.89 24.46
N ARG B 120 -29.26 -28.25 25.02
CA ARG B 120 -29.33 -26.79 25.19
C ARG B 120 -29.41 -26.09 23.85
N ASN B 121 -28.84 -26.72 22.83
CA ASN B 121 -28.38 -25.99 21.68
C ASN B 121 -28.94 -26.39 20.33
N ASP B 122 -29.40 -27.64 20.24
CA ASP B 122 -29.54 -28.26 18.95
C ASP B 122 -30.96 -28.30 18.51
N LEU B 123 -31.14 -28.48 17.22
CA LEU B 123 -32.46 -28.71 16.66
C LEU B 123 -32.47 -30.02 15.87
N VAL B 124 -33.48 -30.86 16.10
CA VAL B 124 -33.51 -32.19 15.45
C VAL B 124 -34.83 -32.56 14.80
N VAL B 125 -34.73 -33.43 13.80
CA VAL B 125 -35.86 -34.16 13.24
C VAL B 125 -35.86 -35.61 13.74
N LYS B 126 -36.95 -36.00 14.43
CA LYS B 126 -37.21 -37.40 14.93
C LYS B 126 -37.64 -38.34 13.79
N THR B 127 -36.81 -39.31 13.44
CA THR B 127 -37.07 -40.18 12.29
C THR B 127 -37.12 -41.64 12.70
N VAL B 128 -37.43 -42.53 11.76
CA VAL B 128 -37.55 -43.96 12.05
C VAL B 128 -36.30 -44.48 12.79
N GLU B 129 -35.11 -44.12 12.28
CA GLU B 129 -33.80 -44.48 12.91
C GLU B 129 -33.39 -43.62 14.10
N GLY B 130 -34.27 -42.68 14.51
CA GLY B 130 -34.03 -41.83 15.68
C GLY B 130 -34.07 -40.32 15.41
N ASP B 131 -33.12 -39.62 16.05
CA ASP B 131 -33.06 -38.14 16.06
C ASP B 131 -31.85 -37.66 15.28
N ARG B 132 -32.07 -36.89 14.21
CA ARG B 132 -30.95 -36.43 13.42
C ARG B 132 -30.78 -34.94 13.61
N LYS B 133 -29.56 -34.50 13.96
CA LYS B 133 -29.28 -33.07 14.20
C LYS B 133 -29.21 -32.31 12.91
N VAL B 134 -30.04 -31.26 12.76
CA VAL B 134 -29.96 -30.38 11.58
C VAL B 134 -29.36 -29.00 11.83
N SER B 135 -29.16 -28.71 13.12
CA SER B 135 -28.84 -27.38 13.62
C SER B 135 -28.14 -27.38 14.98
N GLY B 136 -26.96 -26.77 15.03
CA GLY B 136 -26.29 -26.46 16.28
C GLY B 136 -26.38 -24.96 16.48
N SER B 137 -26.58 -24.52 17.72
CA SER B 137 -26.43 -23.09 18.05
C SER B 137 -25.61 -22.75 19.31
N ALA B 138 -25.18 -21.51 19.44
CA ALA B 138 -24.67 -21.04 20.74
C ALA B 138 -25.39 -19.77 21.22
N TYR B 139 -25.63 -19.63 22.52
CA TYR B 139 -26.35 -18.43 23.05
C TYR B 139 -25.53 -17.75 24.15
N ARG B 140 -25.70 -16.45 24.31
CA ARG B 140 -25.07 -15.75 25.42
C ARG B 140 -25.74 -14.43 25.77
N GLU B 141 -25.51 -13.98 27.00
CA GLU B 141 -26.26 -12.84 27.55
C GLU B 141 -25.41 -11.86 28.27
N THR B 142 -25.71 -10.58 28.09
CA THR B 142 -25.23 -9.56 29.01
C THR B 142 -26.45 -8.97 29.79
N LYS B 143 -26.20 -7.93 30.59
CA LYS B 143 -27.28 -7.32 31.35
C LYS B 143 -28.15 -6.55 30.39
N ASP B 144 -27.56 -6.11 29.28
CA ASP B 144 -28.31 -5.28 28.37
C ASP B 144 -28.73 -5.91 27.03
N ARG B 145 -28.19 -7.07 26.65
CA ARG B 145 -28.67 -7.79 25.44
C ARG B 145 -28.54 -9.30 25.58
N GLY B 146 -29.28 -10.06 24.77
CA GLY B 146 -28.93 -11.48 24.53
C GLY B 146 -28.57 -11.71 23.07
N PHE B 147 -27.78 -12.76 22.78
CA PHE B 147 -27.15 -12.93 21.43
C PHE B 147 -27.17 -14.38 21.07
N HIS B 148 -27.66 -14.70 19.87
CA HIS B 148 -27.94 -16.13 19.52
C HIS B 148 -27.48 -16.35 18.14
N HIS B 149 -26.67 -17.35 17.93
CA HIS B 149 -26.25 -17.68 16.56
C HIS B 149 -26.11 -19.17 16.31
N GLY B 150 -26.13 -19.56 15.05
CA GLY B 150 -25.84 -20.93 14.73
C GLY B 150 -25.85 -21.27 13.28
N THR B 151 -25.93 -22.56 13.07
CA THR B 151 -25.89 -23.12 11.72
C THR B 151 -27.08 -23.99 11.37
N LEU B 152 -27.41 -23.97 10.08
CA LEU B 152 -28.26 -24.97 9.47
C LEU B 152 -27.53 -25.85 8.49
N LEU B 153 -27.49 -27.16 8.75
CA LEU B 153 -26.87 -28.05 7.79
C LEU B 153 -27.70 -28.21 6.53
N LEU B 154 -27.30 -27.55 5.45
CA LEU B 154 -28.00 -27.70 4.17
C LEU B 154 -27.26 -28.74 3.39
N ASN B 155 -26.00 -28.43 3.12
CA ASN B 155 -25.17 -29.23 2.29
C ASN B 155 -23.75 -29.40 2.82
N ALA B 156 -23.60 -29.51 4.12
CA ALA B 156 -22.28 -29.32 4.67
C ALA B 156 -21.48 -30.61 4.61
N ASP B 157 -20.24 -30.56 4.09
CA ASP B 157 -19.41 -31.73 4.23
C ASP B 157 -18.87 -31.94 5.68
N LEU B 158 -19.62 -32.79 6.37
CA LEU B 158 -19.48 -33.20 7.78
C LEU B 158 -18.15 -33.93 8.09
N SER B 159 -17.59 -34.64 7.11
CA SER B 159 -16.43 -35.50 7.36
C SER B 159 -15.15 -34.67 7.44
N ARG B 160 -15.18 -33.53 6.76
CA ARG B 160 -14.00 -32.77 6.38
C ARG B 160 -13.15 -32.26 7.52
N LEU B 161 -13.75 -31.67 8.57
CA LEU B 161 -13.00 -31.08 9.69
C LEU B 161 -11.90 -32.00 10.17
N ALA B 162 -12.22 -33.28 10.27
CA ALA B 162 -11.24 -34.30 10.60
C ALA B 162 -9.96 -34.32 9.76
N ASN B 163 -9.95 -33.78 8.54
CA ASN B 163 -8.75 -33.81 7.70
C ASN B 163 -7.78 -32.69 8.00
N TYR B 164 -8.13 -31.78 8.90
CA TYR B 164 -7.27 -30.61 9.11
C TYR B 164 -6.75 -30.56 10.49
N LEU B 165 -7.28 -31.46 11.31
CA LEU B 165 -6.90 -31.53 12.69
C LEU B 165 -5.85 -32.60 12.86
N ASN B 166 -4.78 -32.31 13.61
CA ASN B 166 -3.82 -33.33 14.03
C ASN B 166 -4.49 -34.18 15.09
N PRO B 167 -4.24 -35.51 15.12
CA PRO B 167 -4.87 -36.30 16.18
C PRO B 167 -4.32 -35.90 17.55
N ASP B 168 -5.06 -36.18 18.62
CA ASP B 168 -4.59 -35.92 19.97
C ASP B 168 -4.79 -37.11 20.91
N LYS B 169 -3.69 -37.77 21.26
CA LYS B 169 -3.73 -39.03 22.01
C LYS B 169 -4.58 -38.88 23.24
N LYS B 170 -4.26 -37.87 24.06
CA LYS B 170 -4.94 -37.66 25.36
C LYS B 170 -6.44 -37.38 25.22
N LYS B 171 -6.81 -36.75 24.12
CA LYS B 171 -8.20 -36.41 23.85
C LYS B 171 -8.96 -37.67 23.54
N LEU B 172 -8.47 -38.42 22.54
CA LEU B 172 -9.14 -39.61 22.04
C LEU B 172 -9.10 -40.70 23.11
N ALA B 173 -7.96 -40.77 23.81
CA ALA B 173 -7.75 -41.75 24.89
C ALA B 173 -8.46 -41.41 26.21
N ALA B 174 -9.00 -40.19 26.33
CA ALA B 174 -9.89 -39.87 27.47
C ALA B 174 -11.39 -40.03 27.12
N LYS B 175 -11.68 -40.37 25.85
CA LYS B 175 -13.03 -40.78 25.39
C LYS B 175 -13.00 -41.99 24.48
N ARG B 183 -26.20 -39.75 13.01
CA ARG B 183 -26.76 -38.84 14.03
C ARG B 183 -26.94 -37.33 13.64
N VAL B 184 -26.23 -36.87 12.62
CA VAL B 184 -26.33 -35.47 12.15
C VAL B 184 -26.67 -35.46 10.68
N THR B 185 -27.74 -34.81 10.29
CA THR B 185 -28.16 -34.92 8.89
C THR B 185 -28.34 -33.60 8.15
N ASN B 186 -27.71 -33.49 6.99
CA ASN B 186 -27.92 -32.35 6.10
C ASN B 186 -29.38 -32.19 5.75
N LEU B 187 -29.81 -30.99 5.42
CA LEU B 187 -31.21 -30.77 5.12
C LEU B 187 -31.56 -31.28 3.75
N THR B 188 -30.58 -31.38 2.83
CA THR B 188 -30.91 -31.78 1.45
C THR B 188 -31.48 -33.21 1.44
N GLU B 189 -31.09 -34.04 2.39
CA GLU B 189 -31.64 -35.37 2.46
C GLU B 189 -33.13 -35.34 2.71
N LEU B 190 -33.69 -34.21 3.11
CA LEU B 190 -35.11 -34.13 3.45
C LEU B 190 -35.82 -33.10 2.61
N LEU B 191 -35.12 -32.48 1.68
CA LEU B 191 -35.73 -31.57 0.72
C LEU B 191 -34.70 -31.36 -0.37
N PRO B 192 -34.53 -32.37 -1.22
CA PRO B 192 -33.65 -32.21 -2.34
C PRO B 192 -33.46 -30.74 -2.71
N GLY B 193 -34.57 -30.07 -2.98
CA GLY B 193 -34.56 -28.66 -3.43
C GLY B 193 -33.63 -27.61 -2.83
N ILE B 194 -33.63 -27.50 -1.49
CA ILE B 194 -33.31 -26.25 -0.77
C ILE B 194 -32.03 -25.47 -1.08
N THR B 195 -32.16 -24.24 -1.58
CA THR B 195 -31.04 -23.29 -1.60
C THR B 195 -30.88 -22.61 -0.25
N HIS B 196 -29.75 -21.92 -0.10
CA HIS B 196 -29.48 -21.11 1.08
C HIS B 196 -30.38 -19.89 1.00
N GLU B 197 -30.52 -19.35 -0.20
CA GLU B 197 -31.51 -18.34 -0.53
C GLU B 197 -32.87 -18.66 0.08
N GLN B 198 -33.41 -19.85 -0.23
CA GLN B 198 -34.67 -20.27 0.35
C GLN B 198 -34.70 -20.25 1.87
N VAL B 199 -33.58 -20.68 2.47
CA VAL B 199 -33.50 -20.79 3.93
C VAL B 199 -33.44 -19.41 4.57
N CYS B 200 -32.75 -18.48 3.94
CA CYS B 200 -32.77 -17.11 4.44
C CYS B 200 -34.17 -16.50 4.34
N GLU B 201 -34.83 -16.81 3.24
CA GLU B 201 -36.17 -16.38 3.03
C GLU B 201 -37.04 -16.91 4.18
N ALA B 202 -37.00 -18.20 4.46
CA ALA B 202 -37.87 -18.69 5.52
C ALA B 202 -37.64 -17.93 6.87
N ILE B 203 -36.41 -17.95 7.39
CA ILE B 203 -36.03 -17.21 8.61
C ILE B 203 -36.40 -15.70 8.58
N THR B 204 -35.99 -14.95 7.56
CA THR B 204 -36.52 -13.60 7.43
C THR B 204 -38.04 -13.53 7.66
N GLU B 205 -38.79 -14.30 6.92
CA GLU B 205 -40.23 -14.25 7.10
C GLU B 205 -40.66 -14.66 8.52
N ALA B 206 -40.01 -15.68 9.07
CA ALA B 206 -40.35 -16.05 10.41
C ALA B 206 -40.01 -14.85 11.34
N PHE B 207 -38.94 -14.10 11.00
CA PHE B 207 -38.45 -12.98 11.80
C PHE B 207 -39.43 -11.81 11.73
N PHE B 208 -39.66 -11.34 10.51
CA PHE B 208 -40.74 -10.40 10.20
C PHE B 208 -42.06 -10.74 10.94
N ALA B 209 -42.50 -11.98 10.86
CA ALA B 209 -43.81 -12.38 11.33
C ALA B 209 -43.87 -12.11 12.81
N HIS B 210 -43.01 -12.75 13.58
CA HIS B 210 -43.01 -12.63 15.01
C HIS B 210 -43.02 -11.20 15.55
N TYR B 211 -42.59 -10.24 14.75
CA TYR B 211 -42.65 -8.87 15.21
C TYR B 211 -43.73 -8.08 14.46
N GLY B 212 -44.56 -8.74 13.70
CA GLY B 212 -45.54 -8.01 12.94
C GLY B 212 -45.00 -6.96 11.99
N GLU B 213 -43.75 -6.54 12.10
CA GLU B 213 -43.19 -5.53 11.17
C GLU B 213 -42.44 -6.22 10.00
N ARG B 214 -42.00 -5.46 8.99
CA ARG B 214 -40.99 -5.90 7.99
C ARG B 214 -40.13 -4.74 7.53
N VAL B 215 -38.87 -4.97 7.21
CA VAL B 215 -37.95 -3.92 6.73
C VAL B 215 -37.33 -4.41 5.43
N GLU B 216 -36.67 -3.53 4.68
CA GLU B 216 -35.81 -3.95 3.57
C GLU B 216 -34.59 -4.64 4.17
N ALA B 217 -33.87 -5.44 3.37
CA ALA B 217 -32.58 -6.03 3.78
C ALA B 217 -31.42 -5.06 3.49
N GLU B 218 -30.36 -5.18 4.28
CA GLU B 218 -29.09 -4.58 3.94
C GLU B 218 -28.10 -5.67 3.42
N ILE B 219 -27.80 -5.65 2.13
CA ILE B 219 -26.78 -6.55 1.59
C ILE B 219 -25.44 -5.91 1.88
N ILE B 220 -24.57 -6.60 2.60
CA ILE B 220 -23.34 -5.98 3.07
C ILE B 220 -22.14 -6.83 2.69
N SER B 221 -21.14 -6.19 2.16
CA SER B 221 -19.97 -6.92 1.77
C SER B 221 -18.81 -6.07 2.26
N PRO B 222 -17.59 -6.63 2.29
CA PRO B 222 -16.40 -5.86 2.65
C PRO B 222 -15.96 -4.79 1.68
N ASN B 223 -16.62 -4.62 0.54
CA ASN B 223 -16.15 -3.58 -0.32
C ASN B 223 -16.69 -2.26 0.14
N LYS B 224 -17.56 -2.29 1.15
CA LYS B 224 -18.19 -1.08 1.69
C LYS B 224 -18.31 -1.17 3.18
N THR B 225 -17.97 -0.10 3.88
CA THR B 225 -18.21 -0.06 5.33
C THR B 225 -19.71 -0.25 5.58
N PRO B 226 -20.06 -1.38 6.22
CA PRO B 226 -21.45 -1.56 6.60
C PRO B 226 -21.83 -0.46 7.58
N ASP B 227 -23.12 -0.30 7.78
CA ASP B 227 -23.66 0.74 8.61
C ASP B 227 -23.52 0.30 10.08
N LEU B 228 -22.28 0.20 10.55
CA LEU B 228 -21.98 -0.32 11.90
C LEU B 228 -20.84 0.44 12.57
N PRO B 229 -20.99 0.66 13.88
CA PRO B 229 -19.96 1.50 14.52
C PRO B 229 -18.63 0.76 14.66
N ASN B 230 -17.54 1.50 14.43
CA ASN B 230 -16.16 0.99 14.45
C ASN B 230 -16.00 -0.28 13.71
N PHE B 231 -16.55 -0.36 12.50
CA PHE B 231 -16.46 -1.58 11.74
C PHE B 231 -15.03 -1.78 11.29
N ALA B 232 -14.50 -0.73 10.65
CA ALA B 232 -13.15 -0.74 10.12
C ALA B 232 -12.15 -1.25 11.15
N GLU B 233 -12.06 -0.64 12.32
CA GLU B 233 -11.02 -1.08 13.20
C GLU B 233 -11.28 -2.55 13.53
N THR B 234 -12.56 -2.87 13.75
CA THR B 234 -12.95 -4.19 14.13
C THR B 234 -12.63 -5.17 13.02
N PHE B 235 -13.08 -4.88 11.81
CA PHE B 235 -12.74 -5.75 10.70
C PHE B 235 -11.21 -6.03 10.56
N ALA B 236 -10.41 -4.95 10.56
CA ALA B 236 -8.94 -5.03 10.54
C ALA B 236 -8.40 -5.96 11.61
N ARG B 237 -8.85 -5.75 12.84
CA ARG B 237 -8.33 -6.51 13.93
C ARG B 237 -8.62 -7.94 13.63
N GLN B 238 -9.84 -8.23 13.16
CA GLN B 238 -10.37 -9.59 13.06
C GLN B 238 -9.69 -10.40 11.96
N SER B 239 -9.36 -9.73 10.87
CA SER B 239 -8.73 -10.37 9.77
C SER B 239 -7.19 -10.40 9.84
N SER B 240 -6.57 -10.17 10.98
CA SER B 240 -5.13 -10.11 10.83
C SER B 240 -4.46 -11.38 11.24
N TRP B 241 -3.46 -11.76 10.47
CA TRP B 241 -2.73 -12.96 10.75
C TRP B 241 -2.30 -13.05 12.22
N GLU B 242 -1.98 -11.93 12.88
CA GLU B 242 -1.45 -12.05 14.27
C GLU B 242 -2.51 -12.53 15.18
N TRP B 243 -3.73 -12.01 15.01
CA TRP B 243 -4.84 -12.38 15.88
C TRP B 243 -5.26 -13.79 15.55
N ASN B 244 -5.37 -14.16 14.28
CA ASN B 244 -5.91 -15.49 13.94
C ASN B 244 -4.91 -16.58 14.19
N PHE B 245 -3.69 -16.38 13.70
CA PHE B 245 -2.66 -17.35 13.86
C PHE B 245 -1.77 -17.14 15.04
N GLY B 246 -1.12 -15.98 15.10
CA GLY B 246 -0.04 -15.78 16.05
C GLY B 246 1.15 -16.75 15.87
N GLN B 247 2.36 -16.33 16.23
CA GLN B 247 3.47 -17.27 16.23
C GLN B 247 3.19 -18.48 17.12
N ALA B 248 3.71 -19.62 16.67
CA ALA B 248 3.75 -20.85 17.47
C ALA B 248 4.57 -20.54 18.73
N PRO B 249 4.09 -21.03 19.86
CA PRO B 249 4.67 -20.87 21.16
C PRO B 249 6.00 -21.51 21.20
N ALA B 250 7.08 -20.77 21.55
CA ALA B 250 8.45 -21.36 21.57
C ALA B 250 9.04 -21.23 22.96
N PHE B 251 8.81 -22.29 23.75
CA PHE B 251 9.27 -22.41 25.12
C PHE B 251 9.89 -23.76 25.30
N SER B 252 10.26 -24.13 26.53
CA SER B 252 11.18 -25.25 26.60
C SER B 252 10.71 -26.37 27.49
N HIS B 253 9.70 -26.09 28.29
CA HIS B 253 8.90 -27.13 28.92
C HIS B 253 7.44 -27.05 28.45
N LEU B 254 6.80 -28.21 28.32
CA LEU B 254 5.39 -28.39 27.92
C LEU B 254 4.65 -29.35 28.86
N LEU B 255 3.54 -28.93 29.44
CA LEU B 255 2.71 -29.90 30.16
C LEU B 255 1.30 -29.85 29.66
N ASP B 256 0.68 -31.02 29.50
CA ASP B 256 -0.68 -31.00 28.98
C ASP B 256 -1.52 -32.09 29.58
N GLU B 257 -2.79 -31.80 29.74
CA GLU B 257 -3.68 -32.73 30.33
C GLU B 257 -5.02 -32.45 29.64
N ARG B 258 -5.89 -33.48 29.59
CA ARG B 258 -7.25 -33.36 29.06
C ARG B 258 -8.25 -33.63 30.18
N PHE B 259 -8.98 -32.61 30.59
CA PHE B 259 -9.96 -32.80 31.65
C PHE B 259 -11.35 -32.97 31.05
N THR B 260 -12.31 -33.43 31.85
CA THR B 260 -13.65 -33.57 31.33
C THR B 260 -14.05 -32.23 30.70
N TRP B 261 -13.55 -31.10 31.18
CA TRP B 261 -14.05 -29.78 30.71
C TRP B 261 -13.19 -29.07 29.73
N GLY B 262 -12.17 -29.74 29.20
CA GLY B 262 -11.29 -29.13 28.20
C GLY B 262 -9.88 -29.70 28.16
N GLY B 263 -9.20 -29.46 27.04
CA GLY B 263 -7.76 -29.71 26.96
C GLY B 263 -6.94 -28.50 27.33
N VAL B 264 -5.84 -28.75 28.03
CA VAL B 264 -4.98 -27.67 28.53
C VAL B 264 -3.53 -27.90 28.18
N GLU B 265 -2.91 -26.94 27.49
CA GLU B 265 -1.44 -26.98 27.32
C GLU B 265 -0.73 -25.86 28.07
N LEU B 266 0.21 -26.26 28.91
CA LEU B 266 1.03 -25.29 29.62
C LEU B 266 2.47 -25.25 29.10
N HIS B 267 2.81 -24.13 28.46
CA HIS B 267 4.17 -23.93 27.93
C HIS B 267 4.96 -23.02 28.81
N PHE B 268 6.17 -23.43 29.16
CA PHE B 268 6.99 -22.55 29.96
C PHE B 268 8.49 -22.80 29.93
N ASP B 269 9.19 -21.77 30.40
CA ASP B 269 10.61 -21.76 30.66
C ASP B 269 10.93 -21.63 32.13
N VAL B 270 11.94 -22.40 32.56
CA VAL B 270 12.50 -22.26 33.88
C VAL B 270 13.97 -21.85 33.86
N GLU B 271 14.29 -20.83 34.63
CA GLU B 271 15.67 -20.38 34.83
C GLU B 271 15.79 -19.96 36.26
N LYS B 272 16.93 -20.27 36.87
CA LYS B 272 17.17 -19.93 38.27
C LYS B 272 15.96 -20.30 39.16
N GLY B 273 15.35 -21.46 38.89
CA GLY B 273 14.37 -22.04 39.79
C GLY B 273 13.02 -21.37 39.73
N HIS B 274 12.85 -20.42 38.81
CA HIS B 274 11.56 -19.73 38.57
C HIS B 274 11.07 -19.79 37.12
N ILE B 275 9.78 -19.61 36.94
CA ILE B 275 9.20 -19.62 35.60
C ILE B 275 9.46 -18.22 35.06
N THR B 276 10.09 -18.14 33.90
CA THR B 276 10.45 -16.81 33.30
C THR B 276 9.45 -16.32 32.22
N ARG B 277 8.57 -17.22 31.79
CA ARG B 277 7.58 -16.94 30.76
C ARG B 277 6.78 -18.20 30.64
N ALA B 278 5.50 -18.05 30.37
CA ALA B 278 4.56 -19.20 30.39
C ALA B 278 3.41 -18.82 29.57
N GLN B 279 2.72 -19.83 29.07
CA GLN B 279 1.55 -19.55 28.21
C GLN B 279 0.70 -20.77 28.22
N VAL B 280 -0.62 -20.57 28.10
CA VAL B 280 -1.56 -21.66 28.29
C VAL B 280 -2.61 -21.65 27.24
N PHE B 281 -2.88 -22.81 26.67
CA PHE B 281 -3.89 -22.90 25.63
C PHE B 281 -4.99 -23.83 26.13
N THR B 282 -6.22 -23.57 25.77
CA THR B 282 -7.26 -24.51 26.09
C THR B 282 -8.34 -24.48 25.05
N ASP B 283 -9.14 -25.54 25.00
CA ASP B 283 -10.33 -25.52 24.14
C ASP B 283 -11.54 -25.44 25.02
N SER B 284 -11.33 -25.39 26.33
CA SER B 284 -12.40 -25.11 27.26
C SER B 284 -13.40 -24.02 26.87
N LEU B 285 -14.68 -24.24 27.11
CA LEU B 285 -15.72 -23.32 26.69
C LEU B 285 -15.59 -21.95 27.34
N ASN B 286 -15.19 -21.93 28.60
CA ASN B 286 -14.80 -20.68 29.19
C ASN B 286 -13.38 -20.75 29.71
N PRO B 287 -12.42 -20.22 28.94
CA PRO B 287 -10.99 -20.18 29.19
C PRO B 287 -10.48 -19.12 30.17
N ALA B 288 -11.36 -18.26 30.74
CA ALA B 288 -10.85 -17.16 31.59
C ALA B 288 -9.91 -17.64 32.70
N PRO B 289 -10.33 -18.63 33.50
CA PRO B 289 -9.37 -18.97 34.55
C PRO B 289 -8.05 -19.53 34.02
N LEU B 290 -7.99 -19.95 32.77
CA LEU B 290 -6.77 -20.53 32.36
C LEU B 290 -5.89 -19.37 31.94
N GLU B 291 -6.46 -18.48 31.12
CA GLU B 291 -5.85 -17.14 30.90
C GLU B 291 -5.33 -16.51 32.25
N ALA B 292 -6.14 -16.63 33.31
CA ALA B 292 -5.85 -15.92 34.51
C ALA B 292 -4.69 -16.61 35.20
N LEU B 293 -4.77 -17.92 35.36
CA LEU B 293 -3.70 -18.67 35.98
C LEU B 293 -2.44 -18.42 35.20
N ALA B 294 -2.54 -18.38 33.89
CA ALA B 294 -1.35 -18.12 33.10
C ALA B 294 -0.69 -16.83 33.59
N GLY B 295 -1.50 -15.80 33.81
CA GLY B 295 -1.00 -14.57 34.35
C GLY B 295 -0.38 -14.71 35.74
N ARG B 296 -0.82 -15.66 36.54
CA ARG B 296 -0.24 -15.74 37.86
C ARG B 296 0.99 -16.62 37.94
N LEU B 297 1.50 -17.09 36.79
CA LEU B 297 2.61 -18.12 36.78
C LEU B 297 3.92 -17.50 36.47
N GLN B 298 3.86 -16.36 35.83
CA GLN B 298 5.01 -15.58 35.60
C GLN B 298 5.76 -15.41 36.91
N GLY B 299 6.99 -15.88 36.94
CA GLY B 299 7.90 -15.50 37.97
C GLY B 299 7.80 -16.45 39.09
N CYS B 300 6.86 -17.37 39.00
CA CYS B 300 6.54 -18.28 40.07
C CYS B 300 7.69 -19.22 40.31
N LEU B 301 7.96 -19.53 41.57
CA LEU B 301 8.98 -20.56 41.85
C LEU B 301 8.48 -21.80 41.16
N TYR B 302 9.40 -22.63 40.70
CA TYR B 302 9.00 -23.74 39.92
C TYR B 302 8.97 -24.93 40.84
N ARG B 303 7.86 -25.11 41.55
CA ARG B 303 7.67 -26.21 42.50
C ARG B 303 6.19 -26.38 42.80
N ALA B 304 5.80 -27.62 43.11
CA ALA B 304 4.39 -27.97 43.21
C ALA B 304 3.57 -26.97 44.06
N ASP B 305 3.95 -26.77 45.33
CA ASP B 305 3.12 -25.97 46.23
C ASP B 305 2.87 -24.53 45.79
N MSE B 306 3.81 -23.94 45.05
CA MSE B 306 3.68 -22.54 44.64
C MSE B 306 2.75 -22.40 43.44
O MSE B 306 1.82 -21.58 43.42
CB MSE B 306 5.03 -21.87 44.38
CG MSE B 306 5.75 -21.52 45.68
SE MSE B 306 4.62 -20.37 46.85
CE MSE B 306 3.97 -21.70 48.18
N LEU B 307 2.99 -23.25 42.46
CA LEU B 307 2.12 -23.39 41.35
C LEU B 307 0.73 -23.62 41.85
N GLN B 308 0.56 -24.54 42.80
CA GLN B 308 -0.77 -24.82 43.26
C GLN B 308 -1.34 -23.63 44.01
N GLN B 309 -0.58 -23.11 44.96
CA GLN B 309 -0.92 -21.86 45.61
C GLN B 309 -1.49 -20.85 44.62
N GLU B 310 -0.68 -20.47 43.63
CA GLU B 310 -1.08 -19.51 42.60
C GLU B 310 -2.42 -19.77 41.99
N CYS B 311 -2.60 -21.02 41.60
CA CYS B 311 -3.77 -21.45 40.90
C CYS B 311 -4.98 -21.19 41.78
N GLU B 312 -4.94 -21.74 42.98
CA GLU B 312 -6.03 -21.67 43.93
C GLU B 312 -6.37 -20.29 44.45
N ALA B 313 -5.39 -19.38 44.42
CA ALA B 313 -5.57 -17.98 44.74
C ALA B 313 -6.67 -17.32 43.89
N LEU B 314 -6.99 -17.88 42.73
CA LEU B 314 -8.05 -17.36 41.85
C LEU B 314 -9.46 -17.81 42.26
N LEU B 315 -9.51 -18.87 43.06
CA LEU B 315 -10.74 -19.34 43.65
C LEU B 315 -11.61 -18.15 43.93
N VAL B 316 -11.16 -17.29 44.82
CA VAL B 316 -11.93 -16.13 45.24
C VAL B 316 -12.67 -15.34 44.13
N ASP B 317 -12.18 -15.33 42.89
CA ASP B 317 -12.86 -14.56 41.85
C ASP B 317 -13.43 -15.47 40.77
N PHE B 318 -13.32 -16.77 41.02
CA PHE B 318 -13.85 -17.72 40.10
C PHE B 318 -14.73 -18.72 40.79
N PRO B 319 -15.83 -18.29 41.41
CA PRO B 319 -16.49 -19.39 42.12
C PRO B 319 -17.04 -20.50 41.19
N GLU B 320 -17.61 -20.18 40.02
CA GLU B 320 -18.08 -21.28 39.17
C GLU B 320 -16.96 -22.20 38.71
N GLN B 321 -15.74 -21.71 38.69
CA GLN B 321 -14.72 -22.59 38.22
C GLN B 321 -13.94 -23.26 39.36
N GLU B 322 -14.65 -23.51 40.44
CA GLU B 322 -14.14 -24.22 41.58
C GLU B 322 -13.47 -25.54 41.22
N LYS B 323 -14.12 -26.31 40.36
CA LYS B 323 -13.76 -27.69 40.14
C LYS B 323 -12.62 -27.75 39.19
N GLU B 324 -12.72 -26.95 38.13
CA GLU B 324 -11.66 -26.71 37.18
C GLU B 324 -10.40 -26.37 37.95
N LEU B 325 -10.51 -25.48 38.94
CA LEU B 325 -9.36 -25.09 39.74
C LEU B 325 -8.76 -26.19 40.61
N ARG B 326 -9.53 -26.85 41.48
CA ARG B 326 -9.01 -28.02 42.20
C ARG B 326 -8.35 -29.02 41.24
N GLU B 327 -8.93 -29.23 40.08
CA GLU B 327 -8.49 -30.30 39.21
C GLU B 327 -7.15 -30.02 38.55
N LEU B 328 -6.97 -28.75 38.14
CA LEU B 328 -5.68 -28.23 37.65
C LEU B 328 -4.58 -28.34 38.69
N SER B 329 -4.83 -27.75 39.84
CA SER B 329 -3.91 -27.81 40.94
C SER B 329 -3.48 -29.27 41.22
N ALA B 330 -4.44 -30.17 41.46
CA ALA B 330 -4.17 -31.58 41.70
C ALA B 330 -3.36 -32.10 40.55
N TRP B 331 -3.74 -31.73 39.33
CA TRP B 331 -2.97 -32.13 38.17
C TRP B 331 -1.46 -31.76 38.18
N MSE B 332 -1.14 -30.49 38.47
CA MSE B 332 0.24 -30.00 38.56
C MSE B 332 0.97 -30.54 39.77
O MSE B 332 2.17 -30.80 39.72
CB MSE B 332 0.25 -28.49 38.62
CG MSE B 332 -0.07 -27.84 37.29
SE MSE B 332 -0.23 -25.83 37.36
CE MSE B 332 -1.77 -25.55 38.82
N ALA B 333 0.25 -30.68 40.89
CA ALA B 333 0.78 -31.36 42.05
C ALA B 333 1.65 -32.52 41.57
N GLY B 334 1.05 -33.45 40.84
CA GLY B 334 1.76 -34.57 40.32
C GLY B 334 2.53 -34.34 39.05
N ALA B 335 2.18 -33.38 38.22
CA ALA B 335 2.83 -33.37 36.95
C ALA B 335 4.25 -32.74 36.98
N VAL B 336 4.49 -31.80 37.89
CA VAL B 336 5.74 -31.04 37.87
C VAL B 336 6.89 -31.79 38.47
N ARG B 337 6.62 -32.55 39.53
CA ARG B 337 7.68 -33.39 40.07
C ARG B 337 7.74 -34.77 39.39
N SER C 1 20.29 30.74 -37.48
CA SER C 1 19.83 29.42 -37.98
C SER C 1 19.87 28.39 -36.88
N THR C 2 21.06 28.15 -36.33
CA THR C 2 21.22 27.13 -35.26
C THR C 2 20.88 27.73 -33.85
N LEU C 3 21.00 29.05 -33.77
CA LEU C 3 20.76 29.79 -32.55
C LEU C 3 19.47 30.57 -32.72
N ARG C 4 18.55 30.43 -31.77
CA ARG C 4 17.53 31.47 -31.58
C ARG C 4 18.01 32.32 -30.42
N LEU C 5 17.67 33.60 -30.45
CA LEU C 5 17.91 34.45 -29.30
C LEU C 5 16.64 35.15 -28.92
N LEU C 6 16.09 34.80 -27.78
CA LEU C 6 14.90 35.53 -27.27
C LEU C 6 15.19 36.58 -26.17
N ILE C 7 14.68 37.79 -26.39
CA ILE C 7 14.69 38.81 -25.36
C ILE C 7 13.26 39.10 -25.04
N SER C 8 12.95 39.12 -23.75
CA SER C 8 11.65 39.60 -23.29
C SER C 8 11.64 41.08 -22.98
N ASP C 9 10.54 41.70 -23.36
CA ASP C 9 10.33 43.11 -23.14
C ASP C 9 9.28 43.29 -22.03
N SER C 10 8.84 42.20 -21.39
CA SER C 10 7.72 42.25 -20.46
C SER C 10 8.28 42.07 -19.11
N TYR C 11 7.71 42.73 -18.11
CA TYR C 11 8.10 42.39 -16.75
C TYR C 11 7.06 41.43 -16.11
N ASP C 12 6.24 40.80 -16.95
CA ASP C 12 5.13 39.97 -16.53
C ASP C 12 5.62 38.57 -16.14
N PRO C 13 5.67 38.32 -14.85
CA PRO C 13 6.23 37.08 -14.38
C PRO C 13 5.59 35.87 -15.05
N TRP C 14 4.30 35.99 -15.37
CA TRP C 14 3.58 34.91 -15.97
C TRP C 14 4.03 34.74 -17.40
N PHE C 15 4.31 35.88 -18.05
CA PHE C 15 4.73 35.83 -19.44
C PHE C 15 6.10 35.16 -19.55
N ASN C 16 7.07 35.67 -18.81
CA ASN C 16 8.43 35.17 -18.98
C ASN C 16 8.44 33.71 -18.65
N LEU C 17 7.71 33.36 -17.61
CA LEU C 17 7.56 31.95 -17.26
C LEU C 17 6.91 31.06 -18.35
N ALA C 18 6.01 31.62 -19.18
CA ALA C 18 5.39 30.81 -20.22
C ALA C 18 6.42 30.47 -21.31
N VAL C 19 7.27 31.43 -21.61
CA VAL C 19 8.32 31.25 -22.57
C VAL C 19 9.28 30.20 -22.04
N GLU C 20 9.82 30.39 -20.82
CA GLU C 20 10.65 29.37 -20.21
C GLU C 20 9.93 28.06 -20.35
N GLU C 21 8.69 28.00 -19.90
CA GLU C 21 8.01 26.72 -19.94
C GLU C 21 8.04 26.14 -21.35
N CYS C 22 7.67 26.96 -22.34
CA CYS C 22 7.59 26.53 -23.70
C CYS C 22 8.93 26.06 -24.20
N ILE C 23 9.98 26.81 -23.86
CA ILE C 23 11.36 26.45 -24.23
C ILE C 23 11.69 25.05 -23.70
N PHE C 24 11.31 24.78 -22.47
CA PHE C 24 11.47 23.46 -21.91
C PHE C 24 10.73 22.31 -22.65
N ARG C 25 9.43 22.42 -22.89
CA ARG C 25 8.70 21.29 -23.50
C ARG C 25 8.10 21.50 -24.87
N GLN C 26 7.83 22.73 -25.25
CA GLN C 26 7.15 22.96 -26.50
C GLN C 26 8.07 22.93 -27.70
N MSE C 27 9.20 23.59 -27.60
CA MSE C 27 9.93 23.88 -28.79
C MSE C 27 10.86 22.74 -29.17
O MSE C 27 11.22 21.92 -28.32
CB MSE C 27 10.65 25.21 -28.65
CG MSE C 27 11.98 25.14 -27.98
SE MSE C 27 12.78 26.93 -28.20
CE MSE C 27 12.85 26.90 -30.32
N PRO C 28 11.22 22.66 -30.45
CA PRO C 28 12.03 21.48 -30.78
C PRO C 28 13.50 21.67 -30.37
N ALA C 29 14.14 20.56 -30.00
CA ALA C 29 15.51 20.52 -29.45
C ALA C 29 16.59 20.67 -30.53
N THR C 30 16.12 20.88 -31.76
CA THR C 30 16.84 21.40 -32.94
C THR C 30 17.88 22.47 -32.69
N GLN C 31 17.54 23.41 -31.83
CA GLN C 31 18.25 24.67 -31.79
C GLN C 31 18.93 24.94 -30.47
N ARG C 32 19.82 25.94 -30.44
CA ARG C 32 20.46 26.39 -29.20
C ARG C 32 19.81 27.68 -28.85
N VAL C 33 19.15 27.74 -27.70
CA VAL C 33 18.37 28.89 -27.39
C VAL C 33 18.85 29.64 -26.15
N LEU C 34 18.99 30.97 -26.29
CA LEU C 34 19.16 31.87 -25.16
C LEU C 34 17.91 32.72 -24.95
N PHE C 35 17.36 32.68 -23.74
CA PHE C 35 16.26 33.59 -23.35
C PHE C 35 16.70 34.57 -22.25
N LEU C 36 16.65 35.85 -22.57
CA LEU C 36 16.91 36.86 -21.56
C LEU C 36 15.70 37.63 -21.14
N TRP C 37 15.48 37.64 -19.84
CA TRP C 37 14.31 38.27 -19.30
C TRP C 37 14.58 38.71 -17.88
N ARG C 38 13.54 39.32 -17.32
CA ARG C 38 13.52 39.71 -15.93
C ARG C 38 12.16 40.16 -15.52
N ASN C 39 11.83 39.91 -14.28
CA ASN C 39 10.49 40.10 -13.73
C ASN C 39 10.34 41.29 -12.83
N ALA C 40 9.22 42.02 -12.90
CA ALA C 40 8.84 43.04 -11.90
C ALA C 40 8.56 42.32 -10.58
N ASP C 41 8.16 43.02 -9.53
CA ASP C 41 8.09 42.35 -8.21
C ASP C 41 7.24 41.10 -8.15
N THR C 42 7.87 40.01 -7.73
CA THR C 42 7.20 38.75 -7.78
C THR C 42 7.73 37.77 -6.75
N VAL C 43 6.79 37.08 -6.10
CA VAL C 43 7.12 35.88 -5.37
C VAL C 43 6.76 34.71 -6.31
N VAL C 44 7.76 33.87 -6.57
CA VAL C 44 7.63 32.68 -7.38
C VAL C 44 7.67 31.46 -6.45
N ILE C 45 6.51 30.81 -6.29
CA ILE C 45 6.44 29.61 -5.45
C ILE C 45 6.51 28.32 -6.27
N GLY C 46 7.02 27.26 -5.65
CA GLY C 46 7.06 25.90 -6.28
C GLY C 46 5.67 25.28 -6.51
N ARG C 47 5.61 24.28 -7.39
CA ARG C 47 4.32 23.79 -7.89
C ARG C 47 3.46 23.11 -6.84
N ALA C 48 4.05 22.75 -5.71
CA ALA C 48 3.31 21.99 -4.73
C ALA C 48 3.12 22.77 -3.41
N GLN C 49 3.29 24.08 -3.45
CA GLN C 49 3.23 24.86 -2.24
C GLN C 49 1.82 25.36 -2.07
N ASN C 50 1.41 25.55 -0.82
CA ASN C 50 0.16 26.20 -0.48
C ASN C 50 0.41 27.67 -0.15
N PRO C 51 0.14 28.56 -1.10
CA PRO C 51 0.40 30.01 -0.94
C PRO C 51 -0.35 30.61 0.25
N TRP C 52 -1.58 30.12 0.49
CA TRP C 52 -2.44 30.51 1.62
C TRP C 52 -1.77 30.21 2.94
N LYS C 53 -0.64 29.51 2.90
CA LYS C 53 0.11 29.24 4.11
C LYS C 53 1.48 29.91 4.09
N GLU C 54 2.21 29.72 3.01
CA GLU C 54 3.58 30.14 3.00
C GLU C 54 3.58 31.67 2.82
N CYS C 55 2.62 32.23 2.08
CA CYS C 55 2.57 33.68 1.84
C CYS C 55 1.56 34.56 2.59
N ASN C 56 1.99 35.82 2.71
CA ASN C 56 1.21 36.94 3.15
C ASN C 56 0.53 37.56 1.96
N THR C 57 -0.57 36.93 1.57
CA THR C 57 -1.33 37.31 0.42
C THR C 57 -1.92 38.71 0.49
N ARG C 58 -2.39 39.14 1.66
CA ARG C 58 -2.78 40.57 1.86
C ARG C 58 -1.63 41.54 1.58
N ARG C 59 -0.52 41.37 2.29
CA ARG C 59 0.58 42.29 2.14
C ARG C 59 1.10 42.32 0.71
N MSE C 60 0.97 41.18 0.01
CA MSE C 60 1.37 41.12 -1.38
C MSE C 60 0.49 41.93 -2.28
O MSE C 60 0.97 42.60 -3.17
CB MSE C 60 1.44 39.71 -1.90
CG MSE C 60 2.67 38.99 -1.47
SE MSE C 60 2.64 37.16 -2.17
CE MSE C 60 0.74 37.10 -2.97
N GLU C 61 -0.81 41.89 -2.05
CA GLU C 61 -1.73 42.80 -2.72
C GLU C 61 -1.46 44.25 -2.37
N GLU C 62 -1.26 44.56 -1.09
CA GLU C 62 -1.04 45.95 -0.70
C GLU C 62 0.13 46.53 -1.49
N ASP C 63 1.30 45.89 -1.40
CA ASP C 63 2.53 46.34 -2.10
C ASP C 63 2.60 45.98 -3.57
N ASN C 64 1.53 45.40 -4.10
CA ASN C 64 1.44 45.08 -5.50
C ASN C 64 2.57 44.13 -6.00
N VAL C 65 2.85 43.13 -5.21
CA VAL C 65 3.81 42.12 -5.56
C VAL C 65 3.07 40.90 -6.20
N ARG C 66 3.37 40.67 -7.49
CA ARG C 66 2.83 39.56 -8.27
C ARG C 66 3.24 38.17 -7.72
N LEU C 67 2.32 37.20 -7.88
CA LEU C 67 2.54 35.80 -7.48
C LEU C 67 2.42 34.84 -8.67
N ALA C 68 3.38 33.92 -8.78
CA ALA C 68 3.39 32.93 -9.85
C ALA C 68 3.86 31.60 -9.34
N ARG C 69 3.23 30.54 -9.83
CA ARG C 69 3.63 29.21 -9.44
C ARG C 69 4.41 28.67 -10.61
N ARG C 70 5.70 28.42 -10.44
CA ARG C 70 6.47 27.67 -11.45
C ARG C 70 6.12 26.15 -11.46
N SER C 71 6.75 25.36 -12.31
CA SER C 71 6.38 23.93 -12.35
C SER C 71 7.43 23.00 -11.78
N SER C 72 8.51 23.53 -11.22
CA SER C 72 9.30 22.68 -10.37
C SER C 72 8.86 22.72 -8.88
N GLY C 73 9.36 21.80 -8.08
CA GLY C 73 9.24 21.90 -6.62
C GLY C 73 10.11 23.03 -6.12
N GLY C 74 10.51 22.95 -4.86
CA GLY C 74 11.29 24.04 -4.29
C GLY C 74 10.38 25.03 -3.61
N GLY C 75 11.00 26.04 -3.01
CA GLY C 75 10.27 27.00 -2.22
C GLY C 75 10.13 28.36 -2.86
N ALA C 76 9.89 29.36 -2.02
CA ALA C 76 9.60 30.71 -2.50
C ALA C 76 10.90 31.38 -2.88
N VAL C 77 10.82 32.16 -3.96
CA VAL C 77 11.90 32.90 -4.54
C VAL C 77 11.36 34.28 -4.90
N PHE C 78 12.04 35.35 -4.48
CA PHE C 78 11.61 36.71 -4.83
C PHE C 78 12.32 37.22 -6.08
N HIS C 79 11.58 37.95 -6.92
CA HIS C 79 12.11 38.61 -8.12
C HIS C 79 11.75 40.09 -8.07
N ASP C 80 12.74 40.94 -8.34
CA ASP C 80 12.50 42.33 -8.74
C ASP C 80 13.37 42.63 -9.98
N LEU C 81 13.36 43.89 -10.44
CA LEU C 81 14.16 44.27 -11.60
C LEU C 81 15.67 44.25 -11.34
N GLY C 82 16.01 44.17 -10.06
CA GLY C 82 17.41 44.00 -9.67
C GLY C 82 18.06 42.72 -10.14
N ASN C 83 17.24 41.89 -10.79
CA ASN C 83 17.55 40.50 -11.11
C ASN C 83 17.63 40.38 -12.62
N THR C 84 18.72 39.86 -13.13
CA THR C 84 18.81 39.68 -14.56
C THR C 84 18.78 38.19 -14.76
N CYS C 85 17.85 37.73 -15.57
CA CYS C 85 17.64 36.30 -15.68
C CYS C 85 17.94 35.72 -17.03
N PHE C 86 18.40 34.47 -17.02
CA PHE C 86 18.79 33.79 -18.23
C PHE C 86 18.35 32.34 -18.34
N THR C 87 18.06 31.90 -19.55
CA THR C 87 17.69 30.53 -19.77
C THR C 87 18.40 29.99 -20.99
N PHE C 88 19.12 28.87 -20.86
CA PHE C 88 19.76 28.23 -22.01
C PHE C 88 19.10 26.91 -22.22
N MSE C 89 19.02 26.47 -23.46
CA MSE C 89 18.55 25.11 -23.70
C MSE C 89 19.28 24.70 -24.91
O MSE C 89 19.51 25.54 -25.75
CB MSE C 89 17.01 25.07 -23.87
CG MSE C 89 16.38 23.70 -24.18
SE MSE C 89 16.36 23.27 -26.11
CE MSE C 89 17.08 21.67 -26.07
N ALA C 90 19.71 23.44 -24.95
CA ALA C 90 20.32 22.81 -26.13
C ALA C 90 20.14 21.32 -26.07
N GLY C 91 20.10 20.70 -27.24
CA GLY C 91 19.87 19.27 -27.35
C GLY C 91 21.03 18.42 -26.86
N LYS C 92 20.71 17.22 -26.41
CA LYS C 92 21.71 16.16 -26.31
C LYS C 92 21.53 15.37 -27.59
N PRO C 93 22.57 14.59 -28.00
CA PRO C 93 23.75 14.30 -27.15
C PRO C 93 24.71 15.48 -26.94
N GLU C 94 24.49 16.58 -27.66
CA GLU C 94 25.35 17.78 -27.58
C GLU C 94 25.50 18.35 -26.17
N TYR C 95 24.54 19.16 -25.75
CA TYR C 95 24.68 20.12 -24.65
C TYR C 95 25.00 19.52 -23.32
N ASP C 96 25.64 20.34 -22.47
CA ASP C 96 25.79 20.07 -21.04
C ASP C 96 26.01 21.37 -20.21
N LYS C 97 25.74 21.28 -18.90
CA LYS C 97 25.63 22.46 -17.97
C LYS C 97 26.86 23.36 -17.95
N THR C 98 27.92 22.87 -18.60
CA THR C 98 29.21 23.50 -18.53
C THR C 98 29.29 24.55 -19.59
N ILE C 99 28.71 24.27 -20.74
CA ILE C 99 28.76 25.20 -21.83
C ILE C 99 28.14 26.53 -21.41
N SER C 100 26.91 26.50 -20.89
CA SER C 100 26.27 27.76 -20.46
C SER C 100 27.04 28.48 -19.36
N THR C 101 27.50 27.72 -18.36
CA THR C 101 28.25 28.26 -17.24
C THR C 101 29.39 29.15 -17.71
N SER C 102 30.21 28.61 -18.60
CA SER C 102 31.38 29.30 -19.11
C SER C 102 30.94 30.48 -19.92
N ILE C 103 29.79 30.33 -20.59
CA ILE C 103 29.20 31.45 -21.34
C ILE C 103 28.93 32.62 -20.41
N VAL C 104 28.31 32.35 -19.27
CA VAL C 104 28.02 33.40 -18.29
C VAL C 104 29.28 34.00 -17.66
N LEU C 105 30.11 33.11 -17.09
CA LEU C 105 31.46 33.44 -16.68
C LEU C 105 32.17 34.40 -17.65
N ASN C 106 32.33 33.95 -18.89
CA ASN C 106 32.99 34.77 -19.93
C ASN C 106 32.56 36.20 -20.05
N ALA C 107 31.23 36.41 -20.08
CA ALA C 107 30.68 37.77 -20.24
C ALA C 107 30.95 38.55 -18.98
N LEU C 108 30.99 37.81 -17.87
CA LEU C 108 31.27 38.46 -16.61
C LEU C 108 32.65 39.12 -16.68
N ASN C 109 33.63 38.30 -17.03
CA ASN C 109 34.96 38.78 -17.23
C ASN C 109 34.95 40.00 -18.14
N ALA C 110 34.39 39.86 -19.32
CA ALA C 110 34.39 40.95 -20.26
C ALA C 110 33.80 42.27 -19.69
N LEU C 111 33.39 42.26 -18.43
CA LEU C 111 32.70 43.43 -17.89
C LEU C 111 33.52 44.18 -16.86
N GLY C 112 34.53 43.49 -16.34
CA GLY C 112 35.48 44.05 -15.38
C GLY C 112 35.68 43.08 -14.23
N VAL C 113 34.85 42.05 -14.20
CA VAL C 113 34.65 41.18 -13.05
C VAL C 113 35.09 39.76 -13.35
N SER C 114 35.63 39.06 -12.35
CA SER C 114 36.06 37.68 -12.59
C SER C 114 35.54 36.75 -11.53
N ALA C 115 35.19 35.53 -11.93
CA ALA C 115 34.44 34.67 -11.05
C ALA C 115 34.66 33.17 -11.30
N GLU C 116 34.31 32.35 -10.31
CA GLU C 116 34.37 30.86 -10.37
C GLU C 116 33.00 30.25 -10.10
N ALA C 117 32.94 28.92 -10.13
CA ALA C 117 31.67 28.18 -10.03
C ALA C 117 31.42 27.53 -8.67
N SER C 118 31.61 28.32 -7.60
CA SER C 118 31.50 27.73 -6.26
C SER C 118 30.33 26.75 -6.20
N GLY C 119 30.64 25.54 -5.76
CA GLY C 119 29.64 24.50 -5.52
C GLY C 119 28.86 24.11 -6.75
N ARG C 120 27.65 23.62 -6.49
CA ARG C 120 26.85 22.92 -7.48
C ARG C 120 26.55 23.77 -8.74
N ASN C 121 25.86 24.90 -8.51
CA ASN C 121 25.42 25.78 -9.58
C ASN C 121 25.35 27.23 -9.12
N ASP C 122 26.34 27.63 -8.34
CA ASP C 122 26.49 29.02 -7.96
C ASP C 122 27.72 29.62 -8.59
N LEU C 123 27.64 30.92 -8.85
CA LEU C 123 28.81 31.65 -9.23
C LEU C 123 29.10 32.62 -8.13
N VAL C 124 30.39 32.87 -7.95
CA VAL C 124 30.89 33.59 -6.83
C VAL C 124 32.01 34.49 -7.34
N VAL C 125 32.27 35.61 -6.68
CA VAL C 125 33.57 36.31 -6.85
C VAL C 125 34.45 36.24 -5.58
N LYS C 126 35.60 36.91 -5.64
CA LYS C 126 36.51 37.03 -4.49
C LYS C 126 36.73 38.49 -4.08
N THR C 127 36.45 38.77 -2.80
CA THR C 127 36.60 40.11 -2.26
C THR C 127 37.55 40.06 -1.08
N VAL C 128 37.25 40.82 -0.03
CA VAL C 128 38.10 40.83 1.13
C VAL C 128 37.55 39.83 2.18
N GLU C 129 36.46 39.15 1.80
CA GLU C 129 36.02 37.89 2.45
C GLU C 129 35.84 36.76 1.43
N GLY C 130 35.83 37.13 0.14
CA GLY C 130 36.15 36.19 -0.95
C GLY C 130 35.18 35.07 -1.29
N ASP C 131 34.15 34.94 -0.46
CA ASP C 131 33.08 34.02 -0.75
C ASP C 131 31.88 34.89 -1.16
N ARG C 132 31.95 35.51 -2.34
CA ARG C 132 30.96 36.54 -2.73
C ARG C 132 29.98 36.13 -3.84
N LYS C 133 28.91 35.45 -3.45
CA LYS C 133 27.91 34.94 -4.40
C LYS C 133 27.14 36.03 -5.10
N VAL C 134 27.11 35.90 -6.43
CA VAL C 134 26.54 36.87 -7.37
C VAL C 134 25.59 36.20 -8.42
N SER C 135 25.57 34.86 -8.44
CA SER C 135 24.61 34.14 -9.26
C SER C 135 24.30 32.72 -8.75
N GLY C 136 23.03 32.39 -8.87
CA GLY C 136 22.50 31.06 -8.64
C GLY C 136 21.67 30.66 -9.84
N SER C 137 21.14 29.45 -9.80
CA SER C 137 20.65 28.80 -11.00
C SER C 137 20.14 27.38 -10.76
N ALA C 138 19.32 26.85 -11.65
CA ALA C 138 19.03 25.44 -11.62
C ALA C 138 19.37 24.81 -12.96
N TYR C 139 19.28 23.49 -13.01
CA TYR C 139 19.64 22.75 -14.20
C TYR C 139 18.82 21.48 -14.25
N ARG C 140 18.53 21.00 -15.46
CA ARG C 140 17.68 19.81 -15.68
C ARG C 140 17.99 19.12 -17.03
N GLU C 141 17.78 17.81 -17.10
CA GLU C 141 17.89 17.10 -18.38
C GLU C 141 16.60 16.30 -18.71
N THR C 142 16.20 16.38 -19.97
CA THR C 142 15.27 15.49 -20.60
C THR C 142 16.13 14.40 -21.22
N LYS C 143 15.53 13.46 -21.96
CA LYS C 143 16.33 12.47 -22.68
C LYS C 143 16.91 13.13 -23.92
N ASP C 144 16.14 14.07 -24.47
CA ASP C 144 16.54 14.85 -25.65
C ASP C 144 17.22 16.24 -25.42
N ARG C 145 17.09 16.86 -24.24
CA ARG C 145 17.63 18.21 -24.08
C ARG C 145 18.29 18.57 -22.74
N GLY C 146 19.08 19.64 -22.73
CA GLY C 146 19.61 20.20 -21.49
C GLY C 146 19.02 21.57 -21.26
N PHE C 147 18.76 21.96 -20.01
CA PHE C 147 18.07 23.23 -19.68
C PHE C 147 18.73 23.91 -18.47
N HIS C 148 19.16 25.16 -18.58
CA HIS C 148 19.86 25.87 -17.49
C HIS C 148 19.42 27.33 -17.38
N HIS C 149 18.80 27.70 -16.26
CA HIS C 149 18.36 29.12 -15.98
C HIS C 149 18.87 29.70 -14.65
N GLY C 150 19.02 31.01 -14.55
CA GLY C 150 19.57 31.58 -13.35
C GLY C 150 19.42 33.06 -13.25
N THR C 151 19.86 33.61 -12.13
CA THR C 151 19.74 35.04 -11.89
C THR C 151 21.13 35.60 -11.79
N LEU C 152 21.30 36.83 -12.29
CA LEU C 152 22.39 37.68 -11.86
C LEU C 152 21.81 38.74 -10.96
N LEU C 153 22.59 39.11 -9.95
CA LEU C 153 22.17 40.13 -9.01
C LEU C 153 22.81 41.42 -9.39
N LEU C 154 22.09 42.30 -10.06
CA LEU C 154 22.67 43.60 -10.29
C LEU C 154 22.34 44.43 -9.05
N ASN C 155 21.10 44.94 -8.97
CA ASN C 155 20.72 45.81 -7.87
C ASN C 155 19.52 45.26 -7.14
N ALA C 156 19.75 44.23 -6.32
CA ALA C 156 18.66 43.40 -5.76
C ALA C 156 18.44 43.38 -4.22
N ASP C 157 17.34 44.00 -3.78
CA ASP C 157 16.82 43.98 -2.39
C ASP C 157 16.52 42.59 -1.81
N LEU C 158 17.51 42.03 -1.14
CA LEU C 158 17.33 40.77 -0.48
C LEU C 158 16.49 40.83 0.77
N SER C 159 16.20 42.03 1.29
CA SER C 159 15.41 42.01 2.51
C SER C 159 14.03 41.43 2.11
N ARG C 160 13.40 42.02 1.07
CA ARG C 160 11.99 41.81 0.64
C ARG C 160 11.33 40.48 0.86
N LEU C 161 11.94 39.42 0.31
CA LEU C 161 11.29 38.10 0.27
C LEU C 161 10.54 37.81 1.56
N ALA C 162 11.08 38.30 2.67
CA ALA C 162 10.63 37.94 4.02
C ALA C 162 9.40 38.72 4.50
N ASN C 163 9.14 39.92 3.96
CA ASN C 163 7.92 40.57 4.38
C ASN C 163 6.73 39.92 3.73
N TYR C 164 6.97 38.88 2.94
CA TYR C 164 5.88 38.23 2.23
C TYR C 164 5.64 36.77 2.61
N LEU C 165 6.47 36.22 3.48
CA LEU C 165 6.19 34.90 4.01
C LEU C 165 5.67 34.94 5.44
N ASN C 166 5.01 33.87 5.88
CA ASN C 166 4.48 33.81 7.25
C ASN C 166 5.39 33.04 8.19
N PRO C 167 5.54 33.48 9.45
CA PRO C 167 6.31 32.61 10.35
C PRO C 167 5.70 31.21 10.30
N ASP C 168 6.54 30.18 10.23
CA ASP C 168 6.11 28.79 10.39
C ASP C 168 6.77 28.26 11.66
N LYS C 169 5.93 27.85 12.57
CA LYS C 169 6.36 27.48 13.90
C LYS C 169 7.11 26.14 13.96
N LYS C 170 7.28 25.45 12.83
CA LYS C 170 8.16 24.24 12.80
C LYS C 170 9.48 24.49 12.06
N LYS C 171 9.51 25.55 11.26
CA LYS C 171 10.77 26.13 10.85
C LYS C 171 11.26 26.66 12.19
N LEU C 172 12.54 26.45 12.51
CA LEU C 172 13.21 27.25 13.53
C LEU C 172 13.85 28.42 12.79
N ALA C 173 13.63 29.64 13.26
CA ALA C 173 14.27 30.82 12.64
C ALA C 173 15.45 31.37 13.50
N ALA C 174 16.32 32.15 12.85
CA ALA C 174 17.31 32.99 13.54
C ALA C 174 16.60 33.95 14.48
N LYS C 175 17.38 34.60 15.33
CA LYS C 175 16.93 35.81 15.98
C LYS C 175 16.92 36.97 14.99
N GLY C 176 16.21 38.04 15.38
CA GLY C 176 16.22 39.32 14.66
C GLY C 176 17.61 39.90 14.66
N ILE C 177 18.35 39.61 15.71
CA ILE C 177 19.79 39.90 15.76
C ILE C 177 20.57 38.65 15.30
N THR C 178 21.41 38.83 14.28
CA THR C 178 22.31 37.75 13.82
C THR C 178 23.74 38.22 13.59
N SER C 179 24.66 37.28 13.84
CA SER C 179 26.09 37.56 13.94
C SER C 179 26.84 37.34 12.63
N VAL C 180 26.46 36.29 11.89
CA VAL C 180 27.17 35.87 10.69
C VAL C 180 26.62 36.51 9.43
N ARG C 181 27.54 37.13 8.68
CA ARG C 181 27.22 37.85 7.45
C ARG C 181 26.88 36.86 6.35
N SER C 182 25.92 37.21 5.50
CA SER C 182 25.66 36.29 4.39
C SER C 182 26.48 36.60 3.14
N ARG C 183 27.13 35.53 2.67
CA ARG C 183 28.04 35.50 1.55
C ARG C 183 27.39 35.83 0.17
N VAL C 184 26.55 36.87 0.13
CA VAL C 184 25.72 37.12 -1.07
C VAL C 184 25.75 38.58 -1.54
N THR C 185 26.80 38.94 -2.26
CA THR C 185 27.01 40.32 -2.68
C THR C 185 26.30 40.66 -4.00
N ASN C 186 25.91 41.93 -4.15
CA ASN C 186 25.37 42.45 -5.41
C ASN C 186 26.45 42.61 -6.48
N LEU C 187 26.45 43.75 -7.17
CA LEU C 187 27.22 43.91 -8.39
C LEU C 187 27.07 45.30 -8.95
N THR C 188 26.26 46.13 -8.31
CA THR C 188 26.53 47.55 -8.42
C THR C 188 27.55 47.86 -7.31
N GLU C 189 27.87 46.84 -6.50
CA GLU C 189 29.06 46.87 -5.63
C GLU C 189 30.30 46.87 -6.50
N LEU C 190 30.64 45.67 -6.96
CA LEU C 190 31.89 45.38 -7.64
C LEU C 190 32.04 46.06 -9.00
N LEU C 191 31.01 46.79 -9.43
CA LEU C 191 31.03 47.53 -10.69
C LEU C 191 30.00 48.70 -10.65
N PRO C 192 30.24 49.70 -9.78
CA PRO C 192 29.22 50.68 -9.30
C PRO C 192 28.58 51.52 -10.39
N GLY C 193 27.30 51.23 -10.68
CA GLY C 193 26.64 51.74 -11.89
C GLY C 193 26.74 50.71 -13.03
N ILE C 194 25.67 49.93 -13.19
CA ILE C 194 25.57 48.91 -14.22
C ILE C 194 24.08 48.71 -14.48
N THR C 195 23.74 48.43 -15.74
CA THR C 195 22.35 48.12 -16.13
C THR C 195 22.18 46.69 -16.59
N HIS C 196 20.91 46.29 -16.61
CA HIS C 196 20.45 45.07 -17.23
C HIS C 196 21.00 45.03 -18.67
N GLU C 197 20.83 46.12 -19.40
CA GLU C 197 21.09 46.13 -20.85
C GLU C 197 22.56 45.86 -21.24
N GLN C 198 23.50 46.30 -20.42
CA GLN C 198 24.88 45.95 -20.66
C GLN C 198 25.09 44.46 -20.50
N VAL C 199 24.76 43.97 -19.29
CA VAL C 199 25.01 42.61 -18.84
C VAL C 199 24.38 41.61 -19.78
N CYS C 200 23.19 41.92 -20.24
CA CYS C 200 22.59 41.19 -21.37
C CYS C 200 23.49 41.11 -22.63
N GLU C 201 23.79 42.27 -23.23
CA GLU C 201 24.72 42.41 -24.37
C GLU C 201 25.98 41.58 -24.18
N ALA C 202 26.57 41.72 -23.00
CA ALA C 202 27.72 40.95 -22.67
C ALA C 202 27.38 39.47 -22.82
N ILE C 203 26.31 38.99 -22.19
CA ILE C 203 25.96 37.55 -22.34
C ILE C 203 25.68 37.13 -23.77
N THR C 204 24.94 37.95 -24.51
CA THR C 204 24.64 37.68 -25.92
C THR C 204 25.94 37.43 -26.70
N GLU C 205 26.87 38.39 -26.57
CA GLU C 205 28.20 38.32 -27.16
C GLU C 205 28.91 37.03 -26.92
N ALA C 206 28.97 36.62 -25.68
CA ALA C 206 29.66 35.41 -25.31
C ALA C 206 28.96 34.15 -25.84
N PHE C 207 27.66 34.26 -26.06
CA PHE C 207 26.84 33.19 -26.58
C PHE C 207 27.26 33.07 -28.04
N PHE C 208 27.28 34.22 -28.69
CA PHE C 208 27.66 34.30 -30.07
C PHE C 208 29.08 33.74 -30.23
N ALA C 209 30.00 34.26 -29.40
CA ALA C 209 31.39 33.80 -29.39
C ALA C 209 31.44 32.29 -29.27
N HIS C 210 30.93 31.74 -28.18
CA HIS C 210 30.99 30.30 -28.05
C HIS C 210 30.52 29.47 -29.26
N TYR C 211 29.56 29.95 -30.06
CA TYR C 211 29.06 29.08 -31.13
C TYR C 211 29.51 29.49 -32.53
N GLY C 212 30.24 30.59 -32.64
CA GLY C 212 30.67 31.12 -33.93
C GLY C 212 29.54 31.41 -34.91
N GLU C 213 28.50 32.14 -34.46
CA GLU C 213 27.36 32.58 -35.29
C GLU C 213 26.63 33.75 -34.58
N ARG C 214 26.08 34.67 -35.36
CA ARG C 214 25.27 35.78 -34.84
C ARG C 214 23.85 35.57 -35.30
N VAL C 215 22.92 36.30 -34.68
CA VAL C 215 21.49 36.18 -34.99
C VAL C 215 20.84 37.49 -34.57
N GLU C 216 19.82 37.94 -35.30
CA GLU C 216 19.01 39.06 -34.79
C GLU C 216 18.12 38.56 -33.64
N ALA C 217 18.07 39.31 -32.54
CA ALA C 217 17.28 38.91 -31.38
C ALA C 217 15.80 39.04 -31.65
N GLU C 218 15.00 38.06 -31.24
CA GLU C 218 13.54 38.15 -31.29
C GLU C 218 13.01 38.86 -30.01
N ILE C 219 12.66 40.15 -30.11
CA ILE C 219 12.18 40.90 -28.93
C ILE C 219 10.72 40.53 -28.75
N ILE C 220 10.33 40.05 -27.57
CA ILE C 220 8.99 39.50 -27.41
C ILE C 220 8.29 40.09 -26.20
N SER C 221 6.97 40.16 -26.28
CA SER C 221 6.13 40.56 -25.19
C SER C 221 4.77 39.85 -25.35
N PRO C 222 3.83 40.05 -24.40
CA PRO C 222 2.41 39.70 -24.70
C PRO C 222 1.90 40.23 -26.03
N ASN C 223 2.44 41.35 -26.47
CA ASN C 223 1.90 42.07 -27.61
C ASN C 223 2.51 41.58 -28.87
N LYS C 224 3.69 40.98 -28.76
CA LYS C 224 4.24 40.14 -29.84
C LYS C 224 4.92 38.87 -29.36
N THR C 225 4.14 37.80 -29.39
CA THR C 225 4.53 36.58 -28.74
C THR C 225 5.54 35.78 -29.57
N PRO C 226 6.45 35.11 -28.89
CA PRO C 226 7.42 34.19 -29.46
C PRO C 226 6.76 33.12 -30.32
N ASP C 227 7.35 32.80 -31.44
CA ASP C 227 6.77 31.76 -32.23
C ASP C 227 7.10 30.37 -31.64
N LEU C 228 6.22 29.82 -30.79
CA LEU C 228 6.45 28.50 -30.17
C LEU C 228 5.13 27.77 -29.97
N PRO C 229 5.07 26.45 -30.20
CA PRO C 229 3.77 25.75 -30.21
C PRO C 229 3.03 25.96 -28.91
N ASN C 230 1.72 26.20 -29.03
CA ASN C 230 0.82 26.38 -27.89
C ASN C 230 1.25 27.40 -26.93
N PHE C 231 1.84 28.47 -27.42
CA PHE C 231 2.29 29.46 -26.51
C PHE C 231 1.13 30.05 -25.82
N ALA C 232 0.07 30.32 -26.59
CA ALA C 232 -1.05 31.09 -26.05
C ALA C 232 -1.78 30.32 -24.98
N GLU C 233 -1.93 28.99 -25.13
CA GLU C 233 -2.55 28.21 -24.06
C GLU C 233 -1.70 28.26 -22.82
N THR C 234 -0.39 28.31 -23.07
CA THR C 234 0.55 28.28 -21.97
C THR C 234 0.64 29.59 -21.21
N PHE C 235 0.76 30.72 -21.88
CA PHE C 235 0.54 31.98 -21.23
C PHE C 235 -0.85 32.05 -20.47
N ALA C 236 -1.97 31.88 -21.19
CA ALA C 236 -3.28 31.70 -20.55
C ALA C 236 -3.23 31.11 -19.15
N ARG C 237 -2.69 29.89 -19.06
CA ARG C 237 -2.83 29.04 -17.90
C ARG C 237 -1.96 29.58 -16.85
N GLN C 238 -0.77 29.95 -17.26
CA GLN C 238 0.15 30.55 -16.35
C GLN C 238 -0.47 31.74 -15.65
N SER C 239 -1.19 32.57 -16.39
CA SER C 239 -1.87 33.71 -15.81
C SER C 239 -2.95 33.29 -14.86
N SER C 240 -3.60 32.17 -15.16
CA SER C 240 -4.88 31.86 -14.51
C SER C 240 -4.67 31.84 -13.03
N TRP C 241 -5.54 32.56 -12.32
CA TRP C 241 -5.62 32.56 -10.84
C TRP C 241 -5.66 31.16 -10.30
N GLU C 242 -6.26 30.27 -11.09
CA GLU C 242 -6.48 28.91 -10.67
C GLU C 242 -5.17 28.12 -10.54
N TRP C 243 -4.28 28.32 -11.49
CA TRP C 243 -3.00 27.73 -11.35
C TRP C 243 -2.18 28.45 -10.25
N ASN C 244 -2.16 29.78 -10.23
CA ASN C 244 -1.19 30.43 -9.35
C ASN C 244 -1.63 30.40 -7.91
N PHE C 245 -2.85 30.81 -7.63
CA PHE C 245 -3.32 30.74 -6.26
C PHE C 245 -3.89 29.38 -5.92
N GLY C 246 -5.09 29.05 -6.45
CA GLY C 246 -5.82 27.80 -6.25
C GLY C 246 -6.72 28.07 -5.08
N GLN C 247 -7.93 27.57 -5.09
CA GLN C 247 -8.76 27.76 -3.93
C GLN C 247 -8.08 27.24 -2.67
N ALA C 248 -8.19 27.99 -1.57
CA ALA C 248 -7.76 27.52 -0.22
C ALA C 248 -8.14 26.05 0.09
N PRO C 249 -7.18 25.23 0.57
CA PRO C 249 -7.67 23.92 1.03
C PRO C 249 -8.60 24.09 2.18
N ALA C 250 -9.72 23.38 2.07
CA ALA C 250 -10.72 23.21 3.11
C ALA C 250 -10.81 21.69 3.40
N PHE C 251 -10.18 21.24 4.48
CA PHE C 251 -10.21 19.84 4.95
C PHE C 251 -10.35 19.88 6.47
N SER C 252 -10.87 18.83 7.08
CA SER C 252 -11.07 18.94 8.48
C SER C 252 -9.88 18.59 9.34
N HIS C 253 -8.86 17.93 8.79
CA HIS C 253 -7.70 17.50 9.59
C HIS C 253 -6.45 18.05 8.99
N LEU C 254 -5.46 18.39 9.84
CA LEU C 254 -4.14 18.87 9.39
C LEU C 254 -2.99 18.25 10.19
N LEU C 255 -2.11 17.53 9.50
CA LEU C 255 -0.86 17.11 10.12
C LEU C 255 0.25 17.77 9.32
N ASP C 256 1.26 18.33 9.96
CA ASP C 256 2.36 18.95 9.19
C ASP C 256 3.70 18.76 9.89
N GLU C 257 4.79 18.62 9.14
CA GLU C 257 6.12 18.39 9.72
C GLU C 257 7.19 19.19 8.94
N ARG C 258 8.29 19.52 9.60
CA ARG C 258 9.36 20.15 8.90
C ARG C 258 10.56 19.21 8.99
N PHE C 259 11.24 19.03 7.85
CA PHE C 259 12.34 18.09 7.61
C PHE C 259 13.51 18.84 6.95
N THR C 260 14.70 18.34 7.17
CA THR C 260 15.83 18.87 6.49
C THR C 260 15.55 19.07 5.02
N TRP C 261 14.78 18.20 4.40
CA TRP C 261 14.56 18.28 2.96
C TRP C 261 13.29 19.09 2.54
N GLY C 262 12.50 19.49 3.51
CA GLY C 262 11.45 20.47 3.27
C GLY C 262 10.24 20.29 4.15
N GLY C 263 9.30 21.21 4.03
CA GLY C 263 8.08 21.11 4.83
C GLY C 263 7.00 20.24 4.19
N VAL C 264 6.13 19.68 5.04
CA VAL C 264 5.06 18.84 4.54
C VAL C 264 3.76 19.07 5.30
N GLU C 265 2.75 19.46 4.53
CA GLU C 265 1.46 19.80 5.08
C GLU C 265 0.45 18.81 4.44
N LEU C 266 -0.09 17.92 5.28
CA LEU C 266 -1.05 16.94 4.85
C LEU C 266 -2.47 17.26 5.40
N HIS C 267 -3.32 17.71 4.46
CA HIS C 267 -4.73 18.02 4.66
C HIS C 267 -5.68 16.86 4.29
N PHE C 268 -6.67 16.63 5.16
CA PHE C 268 -7.53 15.48 5.02
C PHE C 268 -8.78 15.42 5.93
N ASP C 269 -9.77 14.64 5.47
CA ASP C 269 -11.05 14.34 6.08
C ASP C 269 -11.17 12.85 6.29
N VAL C 270 -11.81 12.45 7.40
CA VAL C 270 -11.98 11.02 7.72
C VAL C 270 -13.40 10.69 8.05
N GLU C 271 -13.98 9.71 7.39
CA GLU C 271 -15.30 9.21 7.78
C GLU C 271 -15.39 7.70 7.77
N LYS C 272 -16.09 7.17 8.75
CA LYS C 272 -16.20 5.73 8.90
C LYS C 272 -14.84 5.05 8.79
N GLY C 273 -13.80 5.59 9.45
CA GLY C 273 -12.50 4.91 9.54
C GLY C 273 -11.55 5.22 8.40
N HIS C 274 -12.04 5.75 7.30
CA HIS C 274 -11.12 6.01 6.21
C HIS C 274 -10.95 7.45 5.80
N ILE C 275 -9.78 7.81 5.28
CA ILE C 275 -9.64 9.09 4.63
C ILE C 275 -10.60 9.07 3.46
N THR C 276 -11.22 10.19 3.13
CA THR C 276 -12.22 10.25 2.07
C THR C 276 -11.74 11.23 1.05
N ARG C 277 -10.74 12.03 1.42
CA ARG C 277 -10.08 12.96 0.51
C ARG C 277 -8.95 13.53 1.33
N ALA C 278 -7.93 14.00 0.64
CA ALA C 278 -6.67 14.42 1.23
C ALA C 278 -5.88 15.12 0.17
N GLN C 279 -5.06 16.08 0.58
CA GLN C 279 -4.19 16.79 -0.37
C GLN C 279 -2.95 17.10 0.43
N VAL C 280 -1.82 17.24 -0.26
CA VAL C 280 -0.49 17.30 0.38
C VAL C 280 0.27 18.44 -0.25
N PHE C 281 0.96 19.21 0.58
CA PHE C 281 1.63 20.43 0.11
C PHE C 281 3.08 20.39 0.62
N THR C 282 4.04 20.73 -0.24
CA THR C 282 5.44 20.64 0.15
C THR C 282 6.24 21.72 -0.52
N ASP C 283 7.47 21.96 -0.03
CA ASP C 283 8.43 22.86 -0.70
C ASP C 283 9.75 22.13 -1.01
N SER C 284 9.68 20.81 -0.82
CA SER C 284 10.71 19.87 -1.24
C SER C 284 11.11 20.03 -2.71
N LEU C 285 12.41 20.01 -2.97
CA LEU C 285 12.89 20.06 -4.33
C LEU C 285 12.29 19.00 -5.27
N ASN C 286 12.01 17.79 -4.79
CA ASN C 286 11.30 16.79 -5.60
C ASN C 286 9.94 16.54 -5.00
N PRO C 287 8.94 17.30 -5.43
CA PRO C 287 7.68 17.12 -4.76
C PRO C 287 6.97 15.88 -5.25
N ALA C 288 7.61 15.16 -6.18
CA ALA C 288 6.86 14.10 -6.83
C ALA C 288 6.41 12.95 -5.89
N PRO C 289 7.26 12.45 -4.98
CA PRO C 289 6.70 11.35 -4.17
C PRO C 289 5.62 11.86 -3.25
N LEU C 290 5.72 13.13 -2.88
CA LEU C 290 4.70 13.68 -2.00
C LEU C 290 3.36 13.79 -2.69
N GLU C 291 3.41 14.04 -4.00
CA GLU C 291 2.21 14.09 -4.78
C GLU C 291 1.64 12.69 -4.89
N ALA C 292 2.53 11.73 -5.18
CA ALA C 292 2.16 10.35 -5.39
C ALA C 292 1.68 9.82 -4.04
N LEU C 293 2.40 10.16 -2.97
CA LEU C 293 1.90 9.82 -1.61
C LEU C 293 0.45 10.21 -1.46
N ALA C 294 0.15 11.49 -1.68
CA ALA C 294 -1.23 11.96 -1.70
C ALA C 294 -2.14 11.08 -2.55
N GLY C 295 -1.65 10.61 -3.72
CA GLY C 295 -2.47 9.78 -4.62
C GLY C 295 -2.95 8.54 -3.89
N ARG C 296 -2.01 7.90 -3.20
CA ARG C 296 -2.24 6.65 -2.50
C ARG C 296 -2.88 6.80 -1.12
N LEU C 297 -3.34 8.01 -0.79
CA LEU C 297 -3.93 8.24 0.56
C LEU C 297 -5.43 8.12 0.58
N GLN C 298 -6.03 8.43 -0.58
CA GLN C 298 -7.48 8.37 -0.77
C GLN C 298 -7.95 6.96 -0.47
N GLY C 299 -8.81 6.83 0.53
CA GLY C 299 -9.45 5.57 0.77
C GLY C 299 -8.81 4.90 1.95
N CYS C 300 -7.62 5.37 2.29
CA CYS C 300 -6.75 4.68 3.18
C CYS C 300 -7.38 4.47 4.52
N LEU C 301 -7.05 3.39 5.18
CA LEU C 301 -7.48 3.26 6.54
C LEU C 301 -6.78 4.34 7.38
N TYR C 302 -7.52 4.99 8.26
CA TYR C 302 -6.88 6.01 9.11
C TYR C 302 -6.17 5.43 10.34
N ARG C 303 -5.06 4.74 10.07
CA ARG C 303 -4.21 4.14 11.08
C ARG C 303 -2.73 4.12 10.59
N ALA C 304 -1.78 4.23 11.53
CA ALA C 304 -0.37 4.50 11.13
C ALA C 304 0.24 3.41 10.28
N ASP C 305 -0.02 2.17 10.61
CA ASP C 305 0.35 1.06 9.74
C ASP C 305 -0.19 1.19 8.26
N MSE C 306 -1.46 1.52 8.09
CA MSE C 306 -1.88 1.66 6.73
C MSE C 306 -1.24 2.85 6.01
O MSE C 306 -1.12 2.85 4.80
CB MSE C 306 -3.38 1.60 6.63
CG MSE C 306 -3.90 0.14 6.68
SE MSE C 306 -2.91 -1.23 5.55
CE MSE C 306 -1.72 -1.99 6.90
N LEU C 307 -0.81 3.85 6.76
CA LEU C 307 -0.30 5.08 6.18
C LEU C 307 1.14 4.94 5.84
N GLN C 308 1.88 4.38 6.76
CA GLN C 308 3.26 3.99 6.51
C GLN C 308 3.38 3.00 5.33
N GLN C 309 2.45 2.05 5.28
CA GLN C 309 2.42 1.05 4.25
C GLN C 309 2.23 1.76 2.95
N GLU C 310 1.22 2.62 2.95
CA GLU C 310 0.74 3.18 1.72
C GLU C 310 1.85 4.05 1.21
N CYS C 311 2.66 4.51 2.13
CA CYS C 311 3.68 5.44 1.82
C CYS C 311 4.98 4.74 1.40
N GLU C 312 5.36 3.69 2.11
CA GLU C 312 6.56 2.96 1.72
C GLU C 312 6.39 2.22 0.42
N ALA C 313 5.16 1.87 0.06
CA ALA C 313 4.90 1.19 -1.19
C ALA C 313 5.41 1.96 -2.41
N LEU C 314 5.85 3.21 -2.23
CA LEU C 314 6.26 4.06 -3.34
C LEU C 314 7.72 3.88 -3.65
N LEU C 315 8.43 3.25 -2.71
CA LEU C 315 9.87 3.11 -2.84
C LEU C 315 10.31 2.58 -4.19
N VAL C 316 9.70 1.48 -4.60
CA VAL C 316 10.05 0.90 -5.84
C VAL C 316 10.21 1.88 -7.01
N ASP C 317 9.43 2.97 -7.05
CA ASP C 317 9.61 3.89 -8.19
C ASP C 317 10.30 5.19 -7.88
N PHE C 318 11.08 5.19 -6.81
CA PHE C 318 11.60 6.43 -6.20
C PHE C 318 12.89 6.11 -5.41
N PRO C 319 13.79 5.36 -6.03
CA PRO C 319 14.99 5.05 -5.32
C PRO C 319 15.71 6.30 -4.76
N GLU C 320 15.75 7.41 -5.51
CA GLU C 320 16.45 8.62 -5.05
C GLU C 320 15.92 9.20 -3.76
N GLN C 321 14.69 8.87 -3.40
CA GLN C 321 14.17 9.45 -2.22
C GLN C 321 13.92 8.42 -1.15
N GLU C 322 14.77 7.41 -1.02
CA GLU C 322 14.66 6.48 0.14
C GLU C 322 14.48 7.25 1.44
N LYS C 323 15.18 8.37 1.58
CA LYS C 323 15.30 8.96 2.90
C LYS C 323 14.01 9.70 3.24
N GLU C 324 13.65 10.63 2.37
CA GLU C 324 12.38 11.29 2.40
C GLU C 324 11.26 10.28 2.75
N LEU C 325 11.20 9.15 2.03
CA LEU C 325 10.22 8.11 2.31
C LEU C 325 10.39 7.58 3.73
N ARG C 326 11.59 7.12 4.07
CA ARG C 326 11.74 6.53 5.38
C ARG C 326 11.53 7.63 6.45
N GLU C 327 11.94 8.85 6.17
CA GLU C 327 11.67 9.98 7.08
C GLU C 327 10.15 10.19 7.22
N LEU C 328 9.43 10.25 6.10
CA LEU C 328 7.97 10.47 6.17
C LEU C 328 7.22 9.40 6.88
N SER C 329 7.59 8.16 6.61
CA SER C 329 6.98 7.01 7.20
C SER C 329 7.13 7.04 8.71
N ALA C 330 8.32 7.37 9.19
CA ALA C 330 8.61 7.35 10.62
C ALA C 330 7.85 8.46 11.31
N TRP C 331 7.67 9.58 10.60
CA TRP C 331 6.84 10.66 11.09
C TRP C 331 5.39 10.27 11.33
N MSE C 332 4.74 9.77 10.29
CA MSE C 332 3.37 9.30 10.43
C MSE C 332 3.22 8.29 11.55
O MSE C 332 2.25 8.35 12.30
CB MSE C 332 2.88 8.71 9.12
CG MSE C 332 2.44 9.85 8.24
SE MSE C 332 2.07 9.41 6.39
CE MSE C 332 3.33 7.71 6.06
N ALA C 333 4.20 7.39 11.65
CA ALA C 333 4.25 6.43 12.74
C ALA C 333 3.74 7.06 14.02
N GLY C 334 4.27 8.24 14.37
CA GLY C 334 3.97 8.88 15.64
C GLY C 334 2.91 9.95 15.59
N ALA C 335 2.75 10.60 14.44
CA ALA C 335 1.83 11.72 14.30
C ALA C 335 0.36 11.28 14.23
N VAL C 336 0.12 10.12 13.63
CA VAL C 336 -1.23 9.67 13.35
C VAL C 336 -1.90 8.95 14.52
N ARG C 337 -2.29 9.73 15.54
CA ARG C 337 -3.11 9.20 16.63
C ARG C 337 -4.55 9.08 16.06
C1 LPA D . 7.55 -6.08 -11.24
O1 LPA D . 7.16 -5.74 -12.40
C2 LPA D . 8.70 -5.33 -10.60
O2 LPA D . 7.03 -7.02 -10.57
C3 LPA D . 9.42 -6.21 -9.57
C4 LPA D . 10.52 -5.38 -8.89
C5 LPA D . 11.03 -6.10 -7.64
C6 LPA D . 10.76 -5.29 -6.37
S6 LPA D . 9.11 -5.49 -5.82
C7 LPA D . 11.59 -5.80 -5.20
C8 LPA D . 10.90 -6.36 -3.94
S8 LPA D . 9.20 -6.71 -4.22
C1 LPA E . -20.90 -18.48 22.63
O1 LPA E . -21.08 -18.03 23.81
C2 LPA E . -20.38 -17.57 21.52
O2 LPA E . -21.14 -19.68 22.30
C3 LPA E . -21.38 -16.36 21.53
C4 LPA E . -20.56 -15.18 22.06
C5 LPA E . -20.48 -14.09 20.98
C6 LPA E . -19.05 -13.63 20.67
S6 LPA E . -18.21 -14.86 19.74
C7 LPA E . -19.13 -12.37 19.81
C8 LPA E . -19.07 -12.55 18.28
S8 LPA E . -18.22 -14.05 17.90
#